data_7BQK
#
_entry.id   7BQK
#
_cell.length_a   86.345
_cell.length_b   86.345
_cell.length_c   292.078
_cell.angle_alpha   90.000
_cell.angle_beta   90.000
_cell.angle_gamma   90.000
#
_symmetry.space_group_name_H-M   'P 41 21 2'
#
loop_
_entity.id
_entity.type
_entity.pdbx_description
1 polymer 'Methyltransf_2 domain-containing protein'
2 non-polymer 3-[(E,2S,4S)-2,4-dimethyloct-6-enoyl]-4-oxidanyl-1H-pyridin-2-one
3 non-polymer 1,2-ETHANEDIOL
4 non-polymer GLYCEROL
5 water water
#
_entity_poly.entity_id   1
_entity_poly.type   'polypeptide(L)'
_entity_poly.pdbx_seq_one_letter_code
;MVTLAELASDIQSQVKVIDTYLTEHNLPQPTFAPDSPRELPLDANVQRARLLLIEKAMALSNLAIGAADNLRWHCMNNKF
DDMTLHFLARYNIFDAVPRDEPISYAELSKKVGLAEHRLRRIMSMAYTQHYFCTPKPGFVAHTSNSAMAIGDPLALAWIL
HNIEEVQPWYSNKLVDATMKWGDSIDPKHTGPNLNAKPGEEKLFYEIMEEDDQGEWNGVKGKGFRLWRLYDTDKFFGTGG
AIKGTNLLRAFDWGGLGKATVVDIGGITGHLASTVALANPDLTFIVQERNQPWYEKQFYEQLPAELNGRVSYMPHDKYAE
QPVKGADVYFMSTVLHKEPDDKAITILRRCVEAMDPNKSRLLTRDIVMDGGDPPAEDAVINGRAINSKEGSYEAGLGPTG
VITRLNIGIDFQVLAVVNGFERTREEWVTLFKKADPRFALKGCIQTVGNCAALMEWILEE
;
_entity_poly.pdbx_strand_id   A,B
#
loop_
_chem_comp.id
_chem_comp.type
_chem_comp.name
_chem_comp.formula
EDO non-polymer 1,2-ETHANEDIOL 'C2 H6 O2'
F56 non-polymer 3-[(E,2S,4S)-2,4-dimethyloct-6-enoyl]-4-oxidanyl-1H-pyridin-2-one 'C15 H21 N O3'
GOL non-polymer GLYCEROL 'C3 H8 O3'
#
# COMPACT_ATOMS: atom_id res chain seq x y z
N VAL A 2 22.89 -5.71 -6.30
CA VAL A 2 23.21 -4.87 -5.15
C VAL A 2 23.01 -5.65 -3.84
N THR A 3 23.76 -5.27 -2.81
CA THR A 3 23.73 -5.92 -1.51
C THR A 3 23.24 -4.94 -0.46
N LEU A 4 22.91 -5.47 0.73
CA LEU A 4 22.49 -4.61 1.85
C LEU A 4 23.54 -3.56 2.17
N ALA A 5 24.81 -3.99 2.26
CA ALA A 5 25.88 -3.08 2.62
C ALA A 5 26.04 -1.98 1.57
N GLU A 6 25.93 -2.33 0.32
CA GLU A 6 26.06 -1.37 -0.75
C GLU A 6 24.98 -0.27 -0.64
N LEU A 7 23.78 -0.71 -0.37
CA LEU A 7 22.68 0.18 -0.19
C LEU A 7 22.91 1.12 0.98
N ALA A 8 23.41 0.59 2.06
CA ALA A 8 23.68 1.35 3.24
C ALA A 8 24.71 2.46 3.03
N SER A 9 25.75 2.17 2.26
CA SER A 9 26.82 3.12 1.95
C SER A 9 26.26 4.21 1.10
N ASP A 10 25.47 3.82 0.14
CA ASP A 10 24.80 4.73 -0.77
C ASP A 10 23.93 5.69 0.01
N ILE A 11 23.16 5.15 0.92
CA ILE A 11 22.32 5.92 1.78
C ILE A 11 23.12 6.95 2.57
N GLN A 12 24.19 6.50 3.19
CA GLN A 12 25.07 7.35 3.94
C GLN A 12 25.56 8.53 3.09
N SER A 13 25.97 8.29 1.88
CA SER A 13 26.40 9.31 0.98
C SER A 13 25.30 10.36 0.78
N GLN A 14 24.07 9.94 0.55
CA GLN A 14 23.00 10.91 0.35
C GLN A 14 22.69 11.69 1.61
N VAL A 15 22.67 11.01 2.77
CA VAL A 15 22.39 11.72 4.02
C VAL A 15 23.44 12.77 4.29
N LYS A 16 24.71 12.47 3.98
CA LYS A 16 25.76 13.44 4.23
C LYS A 16 25.55 14.71 3.43
N VAL A 17 25.16 14.58 2.15
CA VAL A 17 24.89 15.77 1.36
C VAL A 17 23.80 16.61 2.02
N ILE A 18 22.69 15.96 2.41
CA ILE A 18 21.57 16.68 3.01
C ILE A 18 21.97 17.24 4.37
N ASP A 19 22.57 16.39 5.21
CA ASP A 19 22.86 16.80 6.58
C ASP A 19 23.84 17.97 6.59
N THR A 20 24.82 17.94 5.68
CA THR A 20 25.80 19.01 5.59
C THR A 20 25.15 20.32 5.12
N TYR A 21 24.25 20.25 4.14
CA TYR A 21 23.56 21.46 3.71
C TYR A 21 22.76 22.07 4.86
N LEU A 22 22.05 21.24 5.63
CA LEU A 22 21.20 21.79 6.68
C LEU A 22 22.03 22.48 7.75
N THR A 23 23.14 21.85 8.14
CA THR A 23 24.01 22.40 9.17
C THR A 23 24.67 23.69 8.70
N GLU A 24 25.28 23.66 7.52
CA GLU A 24 25.93 24.85 6.96
C GLU A 24 24.95 26.01 6.75
N HIS A 25 23.65 25.76 6.68
CA HIS A 25 22.67 26.83 6.52
C HIS A 25 21.84 27.05 7.78
N ASN A 26 22.19 26.37 8.88
CA ASN A 26 21.51 26.47 10.17
C ASN A 26 19.99 26.29 9.99
N LEU A 27 19.65 25.22 9.27
CA LEU A 27 18.25 24.88 9.06
C LEU A 27 17.84 23.71 9.95
N PRO A 28 16.62 23.72 10.49
CA PRO A 28 16.19 22.59 11.33
C PRO A 28 16.18 21.27 10.57
N GLN A 29 16.49 20.20 11.31
CA GLN A 29 16.51 18.83 10.82
C GLN A 29 15.08 18.28 10.75
N PRO A 30 14.74 17.56 9.69
CA PRO A 30 13.47 16.81 9.70
C PRO A 30 13.47 15.77 10.82
N THR A 31 12.34 15.68 11.53
CA THR A 31 12.09 14.62 12.50
C THR A 31 10.67 14.13 12.30
N PHE A 32 10.20 13.28 13.21
CA PHE A 32 8.80 12.85 13.26
C PHE A 32 7.97 13.68 14.22
N ALA A 33 8.55 14.71 14.85
CA ALA A 33 7.78 15.56 15.74
C ALA A 33 6.88 16.49 14.94
N PRO A 34 5.71 16.85 15.49
CA PRO A 34 4.81 17.77 14.77
C PRO A 34 5.46 19.10 14.39
N ASP A 35 6.50 19.55 15.09
CA ASP A 35 7.13 20.81 14.72
C ASP A 35 8.21 20.64 13.65
N SER A 36 8.34 19.45 13.08
CA SER A 36 9.36 19.23 12.07
C SER A 36 9.08 20.12 10.86
N PRO A 37 10.12 20.56 10.14
CA PRO A 37 9.91 21.04 8.77
C PRO A 37 9.23 19.96 7.96
N ARG A 38 8.32 20.37 7.09
CA ARG A 38 7.53 19.42 6.32
C ARG A 38 8.24 18.99 5.04
N GLU A 39 9.36 19.62 4.70
CA GLU A 39 10.10 19.28 3.50
C GLU A 39 11.54 19.71 3.69
N LEU A 40 12.39 19.27 2.77
CA LEU A 40 13.78 19.68 2.73
C LEU A 40 13.95 20.87 1.80
N PRO A 41 15.09 21.58 1.88
CA PRO A 41 15.30 22.74 1.00
C PRO A 41 15.16 22.39 -0.48
N LEU A 42 14.70 23.36 -1.26
CA LEU A 42 14.52 23.15 -2.69
C LEU A 42 15.81 23.18 -3.49
N ASP A 43 16.94 23.45 -2.85
CA ASP A 43 18.24 23.36 -3.49
C ASP A 43 18.37 22.07 -4.30
N ALA A 44 18.80 22.20 -5.56
CA ALA A 44 18.77 21.06 -6.49
C ALA A 44 19.63 19.91 -5.98
N ASN A 45 20.80 20.20 -5.39
CA ASN A 45 21.66 19.14 -4.88
C ASN A 45 21.00 18.42 -3.70
N VAL A 46 20.36 19.19 -2.82
CA VAL A 46 19.62 18.58 -1.71
C VAL A 46 18.52 17.67 -2.24
N GLN A 47 17.79 18.14 -3.25
CA GLN A 47 16.62 17.38 -3.71
C GLN A 47 17.02 16.12 -4.46
N ARG A 48 18.07 16.19 -5.30
CA ARG A 48 18.58 14.99 -5.95
C ARG A 48 19.02 13.94 -4.92
N ALA A 49 19.75 14.38 -3.90
CA ALA A 49 20.16 13.47 -2.82
C ALA A 49 18.95 12.88 -2.12
N ARG A 50 17.93 13.72 -1.86
CA ARG A 50 16.74 13.25 -1.19
C ARG A 50 16.01 12.20 -2.01
N LEU A 51 15.86 12.43 -3.32
CA LEU A 51 15.15 11.48 -4.17
C LEU A 51 15.90 10.15 -4.25
N LEU A 52 17.22 10.20 -4.37
CA LEU A 52 18.00 8.97 -4.36
C LEU A 52 17.93 8.29 -3.00
N LEU A 53 17.95 9.06 -1.91
CA LEU A 53 17.89 8.48 -0.57
C LEU A 53 16.59 7.69 -0.37
N ILE A 54 15.45 8.27 -0.76
CA ILE A 54 14.19 7.55 -0.63
C ILE A 54 14.27 6.24 -1.39
N GLU A 55 14.76 6.30 -2.62
CA GLU A 55 14.83 5.13 -3.48
C GLU A 55 15.68 4.03 -2.87
N LYS A 56 16.86 4.42 -2.36
CA LYS A 56 17.76 3.43 -1.77
C LYS A 56 17.23 2.90 -0.43
N ALA A 57 16.55 3.73 0.35
CA ALA A 57 16.01 3.26 1.62
C ALA A 57 14.85 2.31 1.40
N MET A 58 14.02 2.57 0.39
CA MET A 58 12.98 1.62 -0.01
C MET A 58 13.60 0.32 -0.52
N ALA A 59 14.67 0.42 -1.31
CA ALA A 59 15.35 -0.80 -1.75
C ALA A 59 15.90 -1.57 -0.56
N LEU A 60 16.43 -0.86 0.44
CA LEU A 60 17.03 -1.52 1.59
C LEU A 60 15.99 -2.25 2.44
N SER A 61 14.89 -1.59 2.78
CA SER A 61 13.85 -2.32 3.52
C SER A 61 13.36 -3.49 2.70
N ASN A 62 13.18 -3.30 1.40
CA ASN A 62 12.72 -4.37 0.53
C ASN A 62 13.67 -5.57 0.54
N LEU A 63 14.97 -5.31 0.32
CA LEU A 63 15.95 -6.39 0.31
C LEU A 63 16.03 -7.08 1.67
N ALA A 64 15.96 -6.31 2.76
CA ALA A 64 16.10 -6.92 4.08
C ALA A 64 14.86 -7.74 4.44
N ILE A 65 13.67 -7.28 4.07
CA ILE A 65 12.48 -8.12 4.19
C ILE A 65 12.70 -9.43 3.43
N GLY A 66 13.21 -9.33 2.20
CA GLY A 66 13.59 -10.49 1.43
C GLY A 66 12.45 -11.09 0.61
N ALA A 67 12.83 -11.97 -0.32
CA ALA A 67 11.86 -12.47 -1.28
C ALA A 67 10.79 -13.34 -0.62
N ALA A 68 11.15 -14.09 0.42
CA ALA A 68 10.15 -14.95 1.08
C ALA A 68 9.06 -14.11 1.71
N ASP A 69 9.41 -13.04 2.40
CA ASP A 69 8.41 -12.29 3.14
C ASP A 69 7.82 -11.11 2.36
N ASN A 70 8.39 -10.71 1.21
CA ASN A 70 7.93 -9.47 0.58
C ASN A 70 6.47 -9.59 0.11
N LEU A 71 6.17 -10.56 -0.76
CA LEU A 71 4.78 -10.71 -1.22
C LEU A 71 3.86 -11.11 -0.07
N ARG A 72 4.33 -12.00 0.82
CA ARG A 72 3.49 -12.40 1.96
C ARG A 72 3.11 -11.21 2.81
N TRP A 73 4.08 -10.38 3.19
CA TRP A 73 3.76 -9.24 4.06
C TRP A 73 3.04 -8.14 3.30
N HIS A 74 3.34 -7.92 2.04
CA HIS A 74 2.73 -6.88 1.30
C HIS A 74 1.21 -7.05 1.19
N CYS A 75 0.78 -8.22 0.78
CA CYS A 75 -0.65 -8.43 0.62
C CYS A 75 -1.37 -8.53 1.97
N MET A 76 -0.63 -8.79 3.04
CA MET A 76 -1.23 -8.70 4.37
C MET A 76 -1.46 -7.25 4.76
N ASN A 77 -0.42 -6.43 4.67
CA ASN A 77 -0.35 -5.18 5.43
C ASN A 77 -0.73 -3.94 4.65
N ASN A 78 -0.28 -3.83 3.42
CA ASN A 78 -0.44 -2.62 2.60
C ASN A 78 -1.86 -2.09 2.59
N LYS A 79 -2.80 -2.97 2.32
CA LYS A 79 -4.19 -2.54 2.23
C LYS A 79 -4.67 -1.95 3.55
N PHE A 80 -4.06 -2.34 4.67
CA PHE A 80 -4.52 -1.82 5.95
C PHE A 80 -3.92 -0.46 6.30
N ASP A 81 -2.87 -0.04 5.60
CA ASP A 81 -2.44 1.34 5.72
C ASP A 81 -3.50 2.28 5.16
N ASP A 82 -4.10 1.91 4.03
CA ASP A 82 -5.23 2.66 3.48
C ASP A 82 -6.43 2.61 4.42
N MET A 83 -6.77 1.41 4.92
CA MET A 83 -7.90 1.32 5.84
C MET A 83 -7.69 2.18 7.07
N THR A 84 -6.46 2.23 7.59
CA THR A 84 -6.18 3.06 8.76
C THR A 84 -6.46 4.53 8.46
N LEU A 85 -5.94 5.03 7.33
CA LEU A 85 -6.23 6.41 6.94
C LEU A 85 -7.72 6.62 6.75
N HIS A 86 -8.41 5.62 6.19
CA HIS A 86 -9.86 5.70 6.02
C HIS A 86 -10.54 5.99 7.36
N PHE A 87 -10.19 5.24 8.39
CA PHE A 87 -10.74 5.47 9.72
C PHE A 87 -10.36 6.85 10.24
N LEU A 88 -9.09 7.22 10.08
CA LEU A 88 -8.61 8.50 10.60
C LEU A 88 -9.39 9.65 10.00
N ALA A 89 -9.68 9.59 8.69
CA ALA A 89 -10.43 10.64 8.04
C ALA A 89 -11.90 10.62 8.43
N ARG A 90 -12.55 9.45 8.32
CA ARG A 90 -14.00 9.39 8.55
C ARG A 90 -14.36 9.68 10.00
N TYR A 91 -13.48 9.41 10.94
CA TYR A 91 -13.72 9.75 12.32
C TYR A 91 -13.08 11.06 12.74
N ASN A 92 -12.46 11.80 11.81
CA ASN A 92 -11.95 13.15 12.08
C ASN A 92 -10.88 13.13 13.17
N ILE A 93 -10.03 12.09 13.15
CA ILE A 93 -9.14 11.87 14.28
C ILE A 93 -7.95 12.82 14.25
N PHE A 94 -7.52 13.24 13.07
CA PHE A 94 -6.46 14.25 12.97
C PHE A 94 -6.82 15.49 13.79
N ASP A 95 -8.05 15.99 13.64
CA ASP A 95 -8.47 17.21 14.32
C ASP A 95 -8.74 16.97 15.79
N ALA A 96 -9.12 15.75 16.18
CA ALA A 96 -9.46 15.46 17.57
C ALA A 96 -8.22 15.29 18.45
N VAL A 97 -7.07 14.94 17.89
CA VAL A 97 -5.83 14.84 18.62
C VAL A 97 -5.17 16.22 18.61
N PRO A 98 -4.93 16.84 19.77
CA PRO A 98 -4.28 18.16 19.75
C PRO A 98 -2.90 18.10 19.12
N ARG A 99 -2.51 19.15 18.45
CA ARG A 99 -1.26 19.19 17.77
C ARG A 99 -0.05 18.99 18.64
N ASP A 100 -0.05 19.65 19.78
CA ASP A 100 1.08 19.68 20.66
C ASP A 100 0.95 19.08 22.04
N GLU A 101 -0.11 18.31 22.25
CA GLU A 101 -0.40 17.68 23.54
C GLU A 101 -1.01 16.30 23.32
N PRO A 102 -0.63 15.34 24.16
CA PRO A 102 -1.17 13.99 24.04
C PRO A 102 -2.59 13.94 24.53
N ILE A 103 -3.29 12.91 24.14
CA ILE A 103 -4.65 12.70 24.53
C ILE A 103 -4.82 11.21 24.83
N SER A 104 -5.59 10.90 25.82
CA SER A 104 -5.82 9.51 26.16
C SER A 104 -6.76 8.84 25.20
N TYR A 105 -6.59 7.55 25.03
CA TYR A 105 -7.52 6.80 24.18
C TYR A 105 -8.95 6.99 24.65
N ALA A 106 -9.17 6.99 25.97
CA ALA A 106 -10.51 7.18 26.50
C ALA A 106 -11.09 8.53 26.08
N GLU A 107 -10.33 9.61 26.27
CA GLU A 107 -10.85 10.92 25.84
C GLU A 107 -10.98 10.99 24.33
N LEU A 108 -9.99 10.46 23.60
CA LEU A 108 -10.09 10.46 22.13
C LEU A 108 -11.31 9.67 21.67
N SER A 109 -11.55 8.50 22.27
CA SER A 109 -12.74 7.68 21.95
C SER A 109 -14.03 8.50 22.12
N LYS A 110 -14.17 9.18 23.21
CA LYS A 110 -15.43 9.91 23.38
C LYS A 110 -15.49 11.07 22.43
N LYS A 111 -14.43 11.74 22.07
CA LYS A 111 -14.51 12.85 21.11
C LYS A 111 -15.03 12.38 19.75
N VAL A 112 -14.60 11.21 19.28
CA VAL A 112 -14.87 10.83 17.90
C VAL A 112 -15.92 9.75 17.75
N GLY A 113 -16.37 9.14 18.86
CA GLY A 113 -17.44 8.16 18.78
C GLY A 113 -17.00 6.82 18.24
N LEU A 114 -15.76 6.42 18.50
CA LEU A 114 -15.25 5.13 18.11
C LEU A 114 -14.78 4.48 19.38
N ALA A 115 -15.30 3.33 19.70
CA ALA A 115 -14.96 2.62 20.90
C ALA A 115 -13.47 2.44 21.13
N GLU A 116 -13.07 2.59 22.39
CA GLU A 116 -11.69 2.47 22.82
C GLU A 116 -10.90 1.28 22.28
N HIS A 117 -11.47 0.08 22.35
CA HIS A 117 -10.74 -1.10 21.89
C HIS A 117 -10.40 -0.97 20.41
N ARG A 118 -11.38 -0.64 19.60
CA ARG A 118 -11.17 -0.54 18.18
C ARG A 118 -10.27 0.66 17.85
N LEU A 119 -10.47 1.75 18.53
CA LEU A 119 -9.62 2.91 18.33
C LEU A 119 -8.14 2.56 18.58
N ARG A 120 -7.87 1.88 19.66
CA ARG A 120 -6.55 1.45 20.00
C ARG A 120 -5.92 0.64 18.87
N ARG A 121 -6.68 -0.27 18.29
CA ARG A 121 -6.23 -1.08 17.20
C ARG A 121 -5.89 -0.24 15.96
N ILE A 122 -6.80 0.61 15.57
CA ILE A 122 -6.59 1.49 14.41
C ILE A 122 -5.33 2.33 14.60
N MET A 123 -5.20 2.99 15.76
CA MET A 123 -4.06 3.86 15.98
C MET A 123 -2.75 3.09 15.93
N SER A 124 -2.77 1.85 16.45
CA SER A 124 -1.54 1.07 16.45
C SER A 124 -1.02 0.86 15.04
N MET A 125 -1.91 0.64 14.07
CA MET A 125 -1.44 0.48 12.70
C MET A 125 -0.91 1.80 12.15
N ALA A 126 -1.56 2.90 12.52
CA ALA A 126 -1.07 4.22 12.11
C ALA A 126 0.37 4.46 12.57
N TYR A 127 0.67 4.08 13.82
CA TYR A 127 2.00 4.29 14.37
C TYR A 127 3.09 3.66 13.52
N THR A 128 2.82 2.48 12.94
CA THR A 128 3.86 1.76 12.21
C THR A 128 4.29 2.49 10.94
N GLN A 129 3.46 3.41 10.42
CA GLN A 129 3.84 4.24 9.29
C GLN A 129 4.13 5.68 9.71
N HIS A 130 4.40 5.89 11.00
CA HIS A 130 4.75 7.18 11.58
C HIS A 130 3.64 8.22 11.40
N TYR A 131 2.39 7.77 11.38
CA TYR A 131 1.23 8.64 11.55
C TYR A 131 0.79 8.50 13.00
N PHE A 132 0.94 9.58 13.77
CA PHE A 132 0.74 9.58 15.22
C PHE A 132 1.77 8.71 15.92
N CYS A 133 1.82 8.81 17.25
CA CYS A 133 2.68 7.97 18.07
C CYS A 133 2.01 7.83 19.42
N THR A 134 2.56 6.97 20.26
CA THR A 134 2.07 6.81 21.63
C THR A 134 3.20 7.18 22.59
N PRO A 135 3.20 8.39 23.14
CA PRO A 135 4.34 8.83 23.95
C PRO A 135 4.39 8.19 25.32
N LYS A 136 3.26 7.74 25.84
CA LYS A 136 3.18 7.05 27.12
C LYS A 136 1.99 6.12 27.07
N PRO A 137 1.96 5.08 27.91
CA PRO A 137 0.85 4.10 27.84
C PRO A 137 -0.51 4.79 27.97
N GLY A 138 -1.41 4.42 27.07
CA GLY A 138 -2.77 4.94 27.07
C GLY A 138 -2.96 6.29 26.40
N PHE A 139 -1.93 6.84 25.75
CA PHE A 139 -1.97 8.17 25.18
C PHE A 139 -1.52 8.18 23.72
N VAL A 140 -2.12 9.10 22.96
CA VAL A 140 -1.84 9.32 21.54
C VAL A 140 -1.31 10.73 21.34
N ALA A 141 -0.36 10.89 20.43
CA ALA A 141 0.11 12.20 20.03
C ALA A 141 0.34 12.23 18.53
N HIS A 142 0.42 13.43 17.97
CA HIS A 142 0.67 13.59 16.55
C HIS A 142 2.13 13.33 16.21
N THR A 143 2.37 13.01 14.94
CA THR A 143 3.67 13.11 14.29
C THR A 143 3.59 14.22 13.25
N SER A 144 4.74 14.53 12.63
CA SER A 144 4.74 15.47 11.51
C SER A 144 3.80 15.01 10.39
N ASN A 145 3.84 13.71 10.05
CA ASN A 145 3.02 13.19 8.97
C ASN A 145 1.53 13.37 9.24
N SER A 146 1.11 13.14 10.48
CA SER A 146 -0.30 13.30 10.82
C SER A 146 -0.66 14.76 11.08
N ALA A 147 0.26 15.53 11.67
CA ALA A 147 -0.05 16.94 11.99
C ALA A 147 -0.38 17.75 10.75
N MET A 148 0.20 17.40 9.60
CA MET A 148 -0.04 18.19 8.41
C MET A 148 -1.48 18.14 7.95
N ALA A 149 -2.24 17.13 8.38
CA ALA A 149 -3.66 17.04 8.02
C ALA A 149 -4.56 17.80 8.98
N ILE A 150 -4.03 18.35 10.07
CA ILE A 150 -4.87 19.02 11.05
C ILE A 150 -5.52 20.25 10.42
N GLY A 151 -6.85 20.32 10.52
CA GLY A 151 -7.57 21.48 10.04
C GLY A 151 -7.60 21.63 8.53
N ASP A 152 -7.26 20.58 7.79
CA ASP A 152 -7.11 20.66 6.34
C ASP A 152 -8.06 19.67 5.68
N PRO A 153 -9.28 20.09 5.33
CA PRO A 153 -10.18 19.18 4.60
C PRO A 153 -9.65 18.76 3.23
N LEU A 154 -8.69 19.49 2.67
CA LEU A 154 -8.06 19.06 1.42
C LEU A 154 -7.33 17.74 1.61
N ALA A 155 -6.69 17.56 2.76
CA ALA A 155 -6.01 16.30 3.04
C ALA A 155 -7.01 15.17 3.15
N LEU A 156 -8.12 15.42 3.84
CA LEU A 156 -9.15 14.40 4.01
C LEU A 156 -9.83 14.09 2.68
N ALA A 157 -10.00 15.11 1.83
CA ALA A 157 -10.52 14.90 0.49
C ALA A 157 -9.67 13.90 -0.27
N TRP A 158 -8.35 14.01 -0.16
CA TRP A 158 -7.46 13.11 -0.88
C TRP A 158 -7.59 11.68 -0.39
N ILE A 159 -7.65 11.50 0.93
CA ILE A 159 -7.87 10.17 1.51
C ILE A 159 -9.15 9.57 0.97
N LEU A 160 -10.26 10.30 1.08
CA LEU A 160 -11.57 9.73 0.80
C LEU A 160 -11.82 9.55 -0.69
N HIS A 161 -11.31 10.47 -1.53
CA HIS A 161 -11.47 10.27 -2.97
C HIS A 161 -10.85 8.95 -3.39
N ASN A 162 -9.64 8.66 -2.90
CA ASN A 162 -8.94 7.45 -3.31
C ASN A 162 -9.57 6.20 -2.71
N ILE A 163 -9.92 6.25 -1.43
CA ILE A 163 -10.37 5.04 -0.75
C ILE A 163 -11.85 4.77 -0.96
N GLU A 164 -12.68 5.81 -1.12
CA GLU A 164 -14.10 5.59 -1.31
C GLU A 164 -14.55 5.69 -2.77
N GLU A 165 -13.68 6.13 -3.68
CA GLU A 165 -14.08 6.21 -5.08
C GLU A 165 -13.11 5.50 -6.03
N VAL A 166 -11.86 5.98 -6.11
CA VAL A 166 -10.93 5.45 -7.11
C VAL A 166 -10.71 3.95 -6.92
N GLN A 167 -10.36 3.55 -5.70
CA GLN A 167 -9.99 2.15 -5.48
C GLN A 167 -11.20 1.23 -5.59
N PRO A 168 -12.31 1.45 -4.88
CA PRO A 168 -13.41 0.47 -4.97
C PRO A 168 -14.15 0.51 -6.29
N TRP A 169 -14.27 1.67 -6.94
CA TRP A 169 -15.04 1.73 -8.18
C TRP A 169 -14.23 1.46 -9.43
N TYR A 170 -12.94 1.76 -9.43
CA TYR A 170 -12.15 1.73 -10.66
C TYR A 170 -10.93 0.83 -10.56
N SER A 171 -9.98 1.11 -9.66
CA SER A 171 -8.70 0.40 -9.76
C SER A 171 -8.83 -1.05 -9.31
N ASN A 172 -9.72 -1.33 -8.37
CA ASN A 172 -9.95 -2.71 -7.95
C ASN A 172 -10.59 -3.53 -9.10
N LYS A 173 -11.25 -2.86 -10.03
CA LYS A 173 -11.91 -3.50 -11.12
C LYS A 173 -11.18 -3.41 -12.46
N LEU A 174 -10.02 -2.79 -12.46
CA LEU A 174 -9.27 -2.57 -13.67
C LEU A 174 -8.91 -3.85 -14.45
N VAL A 175 -8.61 -4.93 -13.76
CA VAL A 175 -8.29 -6.17 -14.43
C VAL A 175 -9.51 -6.64 -15.24
N ASP A 176 -10.66 -6.63 -14.61
CA ASP A 176 -11.91 -7.02 -15.21
C ASP A 176 -12.22 -6.12 -16.40
N ALA A 177 -11.98 -4.83 -16.24
CA ALA A 177 -12.21 -3.85 -17.26
C ALA A 177 -11.33 -4.15 -18.49
N THR A 178 -10.09 -4.48 -18.22
CA THR A 178 -9.15 -4.78 -19.26
C THR A 178 -9.55 -6.02 -20.04
N MET A 179 -9.94 -7.05 -19.35
CA MET A 179 -10.33 -8.27 -20.04
C MET A 179 -11.64 -8.10 -20.80
N LYS A 180 -12.52 -7.22 -20.32
CA LYS A 180 -13.80 -7.03 -21.01
C LYS A 180 -13.64 -6.20 -22.27
N TRP A 181 -12.94 -5.07 -22.19
CA TRP A 181 -12.90 -4.15 -23.32
C TRP A 181 -11.53 -4.03 -23.97
N GLY A 182 -10.49 -4.52 -23.31
CA GLY A 182 -9.15 -4.43 -23.85
C GLY A 182 -8.44 -3.20 -23.34
N ASP A 183 -7.29 -2.95 -23.95
CA ASP A 183 -6.51 -1.74 -23.65
C ASP A 183 -7.17 -0.56 -24.36
N SER A 184 -7.95 0.22 -23.61
CA SER A 184 -8.88 1.18 -24.18
C SER A 184 -8.44 2.63 -23.91
N ILE A 185 -8.88 3.54 -24.78
CA ILE A 185 -8.83 4.97 -24.48
C ILE A 185 -10.23 5.55 -24.30
N ASP A 186 -11.24 4.71 -24.20
CA ASP A 186 -12.63 5.16 -24.10
C ASP A 186 -13.02 5.28 -22.63
N PRO A 187 -13.40 6.47 -22.15
CA PRO A 187 -13.76 6.59 -20.72
C PRO A 187 -14.98 5.77 -20.32
N LYS A 188 -15.68 5.19 -21.25
CA LYS A 188 -16.78 4.35 -20.91
C LYS A 188 -16.27 2.99 -20.42
N HIS A 189 -15.07 2.64 -20.80
CA HIS A 189 -14.53 1.31 -20.52
C HIS A 189 -13.83 1.32 -19.16
N THR A 190 -14.65 1.55 -18.13
CA THR A 190 -14.19 1.69 -16.76
C THR A 190 -15.10 0.88 -15.82
N GLY A 191 -14.56 0.58 -14.63
CA GLY A 191 -15.19 -0.30 -13.65
C GLY A 191 -16.70 -0.21 -13.44
N PRO A 192 -17.24 0.99 -13.22
CA PRO A 192 -18.70 1.08 -12.95
C PRO A 192 -19.56 0.57 -14.10
N ASN A 193 -19.00 0.33 -15.28
CA ASN A 193 -19.80 -0.08 -16.43
C ASN A 193 -19.62 -1.53 -16.82
N LEU A 194 -18.96 -2.33 -15.97
CA LEU A 194 -18.74 -3.75 -16.28
C LEU A 194 -20.05 -4.48 -16.55
N ASN A 195 -21.11 -4.12 -15.84
CA ASN A 195 -22.40 -4.78 -16.02
C ASN A 195 -23.50 -3.79 -16.40
N ALA A 196 -23.13 -2.64 -16.93
CA ALA A 196 -24.12 -1.67 -17.37
C ALA A 196 -24.79 -2.15 -18.65
N LYS A 197 -26.12 -1.95 -18.71
CA LYS A 197 -26.85 -2.19 -19.93
C LYS A 197 -26.37 -1.25 -21.04
N PRO A 198 -26.58 -1.61 -22.30
CA PRO A 198 -26.18 -0.71 -23.41
C PRO A 198 -26.77 0.68 -23.26
N GLY A 199 -25.93 1.71 -23.48
CA GLY A 199 -26.37 3.08 -23.36
C GLY A 199 -26.59 3.58 -21.95
N GLU A 200 -26.39 2.72 -20.94
CA GLU A 200 -26.58 3.15 -19.57
C GLU A 200 -25.25 3.36 -18.85
N GLU A 201 -24.13 3.28 -19.56
CA GLU A 201 -22.84 3.52 -18.95
C GLU A 201 -22.77 4.94 -18.40
N LYS A 202 -22.01 5.09 -17.32
CA LYS A 202 -21.78 6.39 -16.69
C LYS A 202 -20.28 6.68 -16.73
N LEU A 203 -19.92 7.90 -17.13
CA LEU A 203 -18.53 8.34 -17.10
C LEU A 203 -18.17 8.83 -15.70
N PHE A 204 -16.89 8.74 -15.37
CA PHE A 204 -16.41 9.21 -14.07
C PHE A 204 -16.85 10.65 -13.79
N TYR A 205 -16.60 11.57 -14.73
CA TYR A 205 -16.97 12.96 -14.48
C TYR A 205 -18.48 13.17 -14.43
N GLU A 206 -19.25 12.29 -15.07
CA GLU A 206 -20.70 12.36 -14.91
C GLU A 206 -21.10 12.03 -13.48
N ILE A 207 -20.57 10.93 -12.93
CA ILE A 207 -20.85 10.57 -11.55
C ILE A 207 -20.43 11.70 -10.61
N MET A 208 -19.24 12.26 -10.82
CA MET A 208 -18.74 13.32 -9.96
C MET A 208 -19.71 14.52 -9.94
N GLU A 209 -20.15 14.97 -11.11
CA GLU A 209 -20.97 16.18 -11.16
C GLU A 209 -22.45 15.93 -10.90
N GLU A 210 -22.95 14.71 -11.07
CA GLU A 210 -24.38 14.45 -10.95
C GLU A 210 -24.82 13.91 -9.59
N ASP A 211 -24.01 13.06 -8.95
CA ASP A 211 -24.44 12.46 -7.68
C ASP A 211 -24.78 13.54 -6.67
N ASP A 212 -25.97 13.42 -6.06
CA ASP A 212 -26.44 14.43 -5.11
C ASP A 212 -26.68 13.86 -3.72
N GLN A 213 -26.32 12.61 -3.47
CA GLN A 213 -26.57 11.97 -2.18
C GLN A 213 -25.34 12.09 -1.29
N GLY A 214 -25.12 13.30 -0.80
CA GLY A 214 -24.03 13.54 0.13
C GLY A 214 -23.68 15.00 0.19
N GLU A 215 -22.58 15.28 0.88
CA GLU A 215 -22.11 16.67 0.97
C GLU A 215 -20.64 16.66 1.33
N TRP A 216 -19.96 17.74 0.98
CA TRP A 216 -18.53 17.85 1.23
C TRP A 216 -18.12 19.31 1.33
N ASN A 217 -17.52 19.66 2.46
CA ASN A 217 -16.75 20.90 2.64
C ASN A 217 -17.44 22.10 2.00
N GLY A 218 -18.72 22.25 2.31
CA GLY A 218 -19.46 23.43 1.93
C GLY A 218 -20.42 23.23 0.76
N VAL A 219 -20.31 22.14 0.03
CA VAL A 219 -21.22 21.85 -1.07
C VAL A 219 -22.12 20.70 -0.66
N LYS A 220 -23.42 20.95 -0.66
CA LYS A 220 -24.41 19.96 -0.29
C LYS A 220 -25.14 19.50 -1.55
N GLY A 221 -25.30 18.18 -1.69
CA GLY A 221 -26.09 17.68 -2.81
C GLY A 221 -25.31 17.57 -4.10
N LYS A 222 -25.98 17.91 -5.21
CA LYS A 222 -25.46 17.65 -6.54
C LYS A 222 -24.02 18.13 -6.69
N GLY A 223 -23.14 17.22 -7.12
CA GLY A 223 -21.77 17.59 -7.38
C GLY A 223 -20.83 17.61 -6.20
N PHE A 224 -21.27 17.16 -5.02
CA PHE A 224 -20.38 17.18 -3.86
C PHE A 224 -19.11 16.38 -4.12
N ARG A 225 -19.19 15.30 -4.90
CA ARG A 225 -17.99 14.51 -5.21
C ARG A 225 -17.03 15.29 -6.10
N LEU A 226 -17.56 16.04 -7.08
CA LEU A 226 -16.71 16.85 -7.93
C LEU A 226 -16.05 17.97 -7.11
N TRP A 227 -16.80 18.55 -6.18
CA TRP A 227 -16.22 19.55 -5.30
C TRP A 227 -15.09 18.95 -4.47
N ARG A 228 -15.29 17.73 -3.94
CA ARG A 228 -14.20 17.06 -3.24
C ARG A 228 -13.03 16.79 -4.17
N LEU A 229 -13.31 16.38 -5.41
CA LEU A 229 -12.23 16.19 -6.37
C LEU A 229 -11.48 17.50 -6.59
N TYR A 230 -12.18 18.61 -6.63
CA TYR A 230 -11.56 19.92 -6.73
C TYR A 230 -10.66 20.19 -5.52
N ASP A 231 -11.09 19.82 -4.33
CA ASP A 231 -10.28 19.93 -3.13
C ASP A 231 -8.97 19.14 -3.30
N THR A 232 -9.02 17.94 -3.87
CA THR A 232 -7.82 17.13 -4.05
C THR A 232 -6.83 17.82 -4.97
N ASP A 233 -7.33 18.46 -6.02
CA ASP A 233 -6.49 19.21 -6.92
C ASP A 233 -5.76 20.32 -6.15
N LYS A 234 -6.49 21.02 -5.33
CA LYS A 234 -5.98 22.05 -4.50
C LYS A 234 -4.94 21.51 -3.51
N PHE A 235 -5.16 20.33 -2.98
CA PHE A 235 -4.26 19.68 -2.06
C PHE A 235 -2.88 19.52 -2.67
N PHE A 236 -2.79 19.13 -3.93
CA PHE A 236 -1.52 18.98 -4.57
C PHE A 236 -0.85 20.31 -4.95
N GLY A 237 -1.61 21.39 -4.95
CA GLY A 237 -1.04 22.70 -5.20
C GLY A 237 -0.51 23.42 -3.97
N THR A 238 -1.03 23.10 -2.77
CA THR A 238 -0.65 23.83 -1.55
C THR A 238 0.68 23.37 -0.95
N GLY A 239 1.19 22.21 -1.32
CA GLY A 239 2.43 21.72 -0.72
C GLY A 239 2.92 20.48 -1.42
N GLY A 240 4.18 20.15 -1.15
CA GLY A 240 4.73 18.91 -1.67
C GLY A 240 5.26 19.04 -3.09
N ALA A 241 5.44 17.88 -3.71
CA ALA A 241 6.20 17.79 -4.96
C ALA A 241 5.66 18.69 -6.06
N ILE A 242 4.34 18.77 -6.19
CA ILE A 242 3.69 19.46 -7.30
C ILE A 242 3.18 20.85 -6.88
N LYS A 243 3.71 21.39 -5.77
CA LYS A 243 3.28 22.66 -5.23
C LYS A 243 3.18 23.74 -6.31
N GLY A 244 2.11 24.52 -6.25
CA GLY A 244 1.82 25.47 -7.31
C GLY A 244 2.90 26.53 -7.50
N THR A 245 3.55 26.95 -6.41
CA THR A 245 4.60 27.95 -6.50
C THR A 245 5.78 27.48 -7.35
N ASN A 246 5.95 26.17 -7.57
CA ASN A 246 7.02 25.74 -8.46
C ASN A 246 6.79 26.21 -9.89
N LEU A 247 5.54 26.47 -10.27
CA LEU A 247 5.22 27.09 -11.55
C LEU A 247 5.98 28.40 -11.74
N LEU A 248 6.20 29.14 -10.65
CA LEU A 248 6.90 30.42 -10.74
C LEU A 248 8.37 30.25 -11.08
N ARG A 249 8.94 29.09 -10.80
CA ARG A 249 10.33 28.80 -11.12
C ARG A 249 10.51 28.17 -12.48
N ALA A 250 9.44 27.71 -13.11
CA ALA A 250 9.55 26.96 -14.36
C ALA A 250 9.24 27.81 -15.59
N PHE A 251 8.80 29.05 -15.40
CA PHE A 251 8.48 29.97 -16.49
C PHE A 251 8.59 31.40 -15.98
N ASP A 252 9.05 32.30 -16.85
CA ASP A 252 9.29 33.70 -16.50
C ASP A 252 7.99 34.49 -16.61
N TRP A 253 7.12 34.33 -15.60
CA TRP A 253 5.81 34.97 -15.63
C TRP A 253 5.92 36.49 -15.56
N GLY A 254 6.88 36.99 -14.78
CA GLY A 254 7.08 38.44 -14.68
C GLY A 254 7.51 39.05 -15.99
N GLY A 255 8.25 38.29 -16.80
CA GLY A 255 8.68 38.78 -18.09
C GLY A 255 7.56 39.06 -19.07
N LEU A 256 6.35 38.56 -18.81
CA LEU A 256 5.23 38.84 -19.70
C LEU A 256 4.76 40.29 -19.58
N GLY A 257 5.11 40.99 -18.51
CA GLY A 257 4.56 42.31 -18.30
C GLY A 257 3.05 42.24 -18.12
N LYS A 258 2.38 43.32 -18.49
CA LYS A 258 0.92 43.38 -18.48
C LYS A 258 0.38 42.46 -19.57
N ALA A 259 -0.32 41.39 -19.16
CA ALA A 259 -0.65 40.33 -20.08
C ALA A 259 -1.85 39.56 -19.56
N THR A 260 -2.48 38.80 -20.46
CA THR A 260 -3.64 37.99 -20.12
C THR A 260 -3.28 36.53 -20.32
N VAL A 261 -3.60 35.72 -19.31
CA VAL A 261 -3.39 34.28 -19.37
C VAL A 261 -4.77 33.63 -19.38
N VAL A 262 -5.02 32.80 -20.38
CA VAL A 262 -6.27 32.04 -20.48
C VAL A 262 -6.01 30.65 -19.91
N ASP A 263 -6.58 30.41 -18.74
CA ASP A 263 -6.37 29.20 -17.94
C ASP A 263 -7.45 28.19 -18.31
N ILE A 264 -7.18 27.37 -19.31
CA ILE A 264 -8.17 26.45 -19.87
C ILE A 264 -8.26 25.21 -18.98
N GLY A 265 -9.45 24.91 -18.50
CA GLY A 265 -9.61 23.78 -17.59
C GLY A 265 -9.00 24.06 -16.24
N GLY A 266 -9.09 25.31 -15.76
CA GLY A 266 -8.38 25.74 -14.57
C GLY A 266 -9.05 25.44 -13.25
N ILE A 267 -9.96 24.46 -13.22
CA ILE A 267 -10.61 24.01 -11.99
C ILE A 267 -11.32 25.20 -11.35
N THR A 268 -10.92 25.58 -10.12
CA THR A 268 -11.52 26.71 -9.43
C THR A 268 -10.63 27.94 -9.45
N GLY A 269 -9.56 27.93 -10.25
CA GLY A 269 -8.70 29.09 -10.33
C GLY A 269 -7.70 29.21 -9.21
N HIS A 270 -7.50 28.17 -8.45
CA HIS A 270 -6.52 28.25 -7.40
C HIS A 270 -5.11 28.44 -7.93
N LEU A 271 -4.72 27.66 -8.91
CA LEU A 271 -3.40 27.84 -9.49
C LEU A 271 -3.27 29.21 -10.16
N ALA A 272 -4.33 29.67 -10.84
CA ALA A 272 -4.31 31.00 -11.45
C ALA A 272 -4.09 32.07 -10.39
N SER A 273 -4.75 31.93 -9.25
CA SER A 273 -4.57 32.88 -8.15
C SER A 273 -3.13 32.86 -7.61
N THR A 274 -2.51 31.67 -7.55
CA THR A 274 -1.14 31.60 -7.08
C THR A 274 -0.20 32.38 -8.00
N VAL A 275 -0.36 32.21 -9.31
CA VAL A 275 0.51 32.94 -10.24
C VAL A 275 0.18 34.43 -10.22
N ALA A 276 -1.12 34.76 -10.22
CA ALA A 276 -1.51 36.18 -10.27
C ALA A 276 -1.16 36.93 -9.00
N LEU A 277 -1.18 36.26 -7.85
CA LEU A 277 -0.74 36.92 -6.61
C LEU A 277 0.72 37.35 -6.70
N ALA A 278 1.57 36.50 -7.26
CA ALA A 278 3.00 36.82 -7.34
C ALA A 278 3.33 37.71 -8.53
N ASN A 279 2.38 37.94 -9.44
CA ASN A 279 2.64 38.72 -10.66
C ASN A 279 1.51 39.72 -10.82
N PRO A 280 1.67 40.92 -10.25
CA PRO A 280 0.55 41.90 -10.21
C PRO A 280 0.12 42.42 -11.58
N ASP A 281 0.92 42.27 -12.64
CA ASP A 281 0.55 42.79 -13.95
C ASP A 281 -0.29 41.81 -14.76
N LEU A 282 -0.64 40.64 -14.21
CA LEU A 282 -1.25 39.58 -14.98
C LEU A 282 -2.75 39.52 -14.75
N THR A 283 -3.48 39.34 -15.84
CA THR A 283 -4.90 39.06 -15.82
C THR A 283 -5.09 37.59 -16.20
N PHE A 284 -5.91 36.87 -15.42
CA PHE A 284 -6.23 35.48 -15.73
C PHE A 284 -7.70 35.33 -16.05
N ILE A 285 -7.98 34.59 -17.11
CA ILE A 285 -9.33 34.14 -17.43
C ILE A 285 -9.37 32.65 -17.17
N VAL A 286 -10.07 32.25 -16.12
CA VAL A 286 -10.20 30.85 -15.76
C VAL A 286 -11.40 30.26 -16.50
N GLN A 287 -11.14 29.31 -17.39
CA GLN A 287 -12.17 28.70 -18.21
C GLN A 287 -12.46 27.29 -17.71
N GLU A 288 -13.72 27.04 -17.35
CA GLU A 288 -14.11 25.77 -16.77
C GLU A 288 -15.60 25.55 -17.02
N ARG A 289 -15.99 24.28 -17.04
CA ARG A 289 -17.39 23.91 -17.13
C ARG A 289 -18.14 24.35 -15.87
N ASN A 290 -19.27 25.04 -16.06
CA ASN A 290 -19.97 25.57 -14.90
C ASN A 290 -20.70 24.46 -14.13
N GLN A 291 -21.01 24.75 -12.88
CA GLN A 291 -21.75 23.87 -11.98
C GLN A 291 -22.66 24.75 -11.14
N PRO A 292 -23.71 24.19 -10.54
CA PRO A 292 -24.64 25.05 -9.79
C PRO A 292 -23.98 25.74 -8.60
N TRP A 293 -22.98 25.13 -7.98
CA TRP A 293 -22.25 25.72 -6.86
C TRP A 293 -20.96 26.40 -7.27
N TYR A 294 -20.60 26.35 -8.55
CA TYR A 294 -19.24 26.76 -8.93
C TYR A 294 -18.98 28.23 -8.64
N GLU A 295 -19.87 29.12 -9.10
CA GLU A 295 -19.59 30.54 -8.95
C GLU A 295 -19.58 30.96 -7.49
N LYS A 296 -20.50 30.42 -6.69
CA LYS A 296 -20.47 30.70 -5.26
C LYS A 296 -19.13 30.33 -4.65
N GLN A 297 -18.61 29.14 -4.98
CA GLN A 297 -17.34 28.72 -4.40
C GLN A 297 -16.18 29.46 -5.02
N PHE A 298 -16.25 29.75 -6.33
CA PHE A 298 -15.17 30.46 -7.00
C PHE A 298 -14.90 31.81 -6.33
N TYR A 299 -15.96 32.57 -6.05
CA TYR A 299 -15.78 33.89 -5.45
C TYR A 299 -15.51 33.82 -3.96
N GLU A 300 -16.00 32.80 -3.27
CA GLU A 300 -15.69 32.68 -1.84
C GLU A 300 -14.21 32.44 -1.61
N GLN A 301 -13.56 31.68 -2.50
CA GLN A 301 -12.13 31.38 -2.36
C GLN A 301 -11.24 32.49 -2.93
N LEU A 302 -11.77 33.31 -3.82
CA LEU A 302 -10.94 34.27 -4.56
C LEU A 302 -10.34 35.31 -3.62
N PRO A 303 -9.01 35.43 -3.53
CA PRO A 303 -8.42 36.44 -2.65
C PRO A 303 -8.76 37.84 -3.12
N ALA A 304 -9.23 38.68 -2.18
CA ALA A 304 -9.58 40.04 -2.54
C ALA A 304 -8.38 40.84 -3.03
N GLU A 305 -7.17 40.50 -2.58
CA GLU A 305 -5.95 41.20 -2.99
C GLU A 305 -5.73 41.21 -4.49
N LEU A 306 -6.37 40.28 -5.21
CA LEU A 306 -6.20 40.20 -6.65
C LEU A 306 -6.94 41.32 -7.38
N ASN A 307 -7.84 42.01 -6.68
CA ASN A 307 -8.56 43.16 -7.23
C ASN A 307 -9.22 42.81 -8.56
N GLY A 308 -9.76 41.59 -8.65
CA GLY A 308 -10.51 41.18 -9.83
C GLY A 308 -9.68 40.73 -11.02
N ARG A 309 -8.36 40.65 -10.89
CA ARG A 309 -7.51 40.25 -12.02
C ARG A 309 -7.75 38.81 -12.46
N VAL A 310 -8.31 37.97 -11.59
CA VAL A 310 -8.66 36.60 -11.93
C VAL A 310 -10.18 36.52 -12.00
N SER A 311 -10.70 36.11 -13.16
CA SER A 311 -12.14 36.02 -13.37
C SER A 311 -12.46 34.64 -13.95
N TYR A 312 -13.74 34.29 -13.91
CA TYR A 312 -14.23 33.00 -14.39
C TYR A 312 -15.02 33.19 -15.68
N MET A 313 -14.75 32.34 -16.67
CA MET A 313 -15.49 32.33 -17.93
C MET A 313 -15.92 30.90 -18.24
N PRO A 314 -17.21 30.58 -18.14
CA PRO A 314 -17.68 29.25 -18.57
C PRO A 314 -17.23 28.96 -19.99
N HIS A 315 -16.69 27.75 -20.19
CA HIS A 315 -16.15 27.42 -21.50
C HIS A 315 -16.03 25.91 -21.64
N ASP A 316 -16.42 25.40 -22.80
CA ASP A 316 -16.18 24.02 -23.19
C ASP A 316 -14.83 23.95 -23.90
N LYS A 317 -13.91 23.17 -23.33
CA LYS A 317 -12.54 23.11 -23.85
C LYS A 317 -12.46 22.59 -25.27
N TYR A 318 -13.48 21.87 -25.75
CA TYR A 318 -13.46 21.40 -27.13
C TYR A 318 -14.03 22.43 -28.10
N ALA A 319 -14.56 23.53 -27.61
CA ALA A 319 -15.25 24.49 -28.46
C ALA A 319 -14.31 25.62 -28.87
N GLU A 320 -14.79 26.47 -29.77
CA GLU A 320 -14.02 27.62 -30.22
C GLU A 320 -13.59 28.46 -29.02
N GLN A 321 -12.33 28.88 -29.04
CA GLN A 321 -11.74 29.68 -27.97
C GLN A 321 -12.19 31.12 -28.14
N PRO A 322 -12.98 31.68 -27.21
CA PRO A 322 -13.53 33.03 -27.42
C PRO A 322 -12.56 34.15 -27.13
N VAL A 323 -11.44 33.89 -26.48
CA VAL A 323 -10.44 34.90 -26.17
C VAL A 323 -9.36 34.82 -27.23
N LYS A 324 -9.30 35.84 -28.09
CA LYS A 324 -8.41 35.88 -29.23
C LYS A 324 -7.15 36.68 -28.90
N GLY A 325 -6.00 36.17 -29.33
CA GLY A 325 -4.76 36.91 -29.21
C GLY A 325 -4.25 37.11 -27.80
N ALA A 326 -4.58 36.20 -26.88
CA ALA A 326 -4.05 36.32 -25.53
C ALA A 326 -2.55 36.03 -25.53
N ASP A 327 -1.87 36.57 -24.51
CA ASP A 327 -0.43 36.33 -24.39
C ASP A 327 -0.12 34.86 -24.13
N VAL A 328 -0.90 34.23 -23.24
CA VAL A 328 -0.69 32.84 -22.86
C VAL A 328 -2.02 32.10 -22.89
N TYR A 329 -2.02 30.93 -23.51
CA TYR A 329 -3.07 29.93 -23.31
C TYR A 329 -2.44 28.81 -22.48
N PHE A 330 -3.00 28.58 -21.29
CA PHE A 330 -2.37 27.74 -20.27
C PHE A 330 -3.29 26.58 -19.93
N MET A 331 -2.74 25.36 -19.94
CA MET A 331 -3.46 24.15 -19.55
C MET A 331 -2.58 23.38 -18.56
N SER A 332 -2.98 23.34 -17.29
CA SER A 332 -2.24 22.60 -16.27
C SER A 332 -2.90 21.25 -16.02
N THR A 333 -2.16 20.18 -16.33
CA THR A 333 -2.59 18.78 -16.15
C THR A 333 -3.98 18.54 -16.71
N VAL A 334 -4.24 19.09 -17.89
CA VAL A 334 -5.45 18.81 -18.66
C VAL A 334 -5.22 17.67 -19.63
N LEU A 335 -4.13 17.73 -20.38
CA LEU A 335 -4.03 16.88 -21.55
C LEU A 335 -3.72 15.42 -21.22
N HIS A 336 -3.28 15.11 -19.99
CA HIS A 336 -3.08 13.71 -19.66
C HIS A 336 -4.38 12.94 -19.48
N LYS A 337 -5.53 13.62 -19.49
CA LYS A 337 -6.83 12.97 -19.55
C LYS A 337 -7.44 13.05 -20.93
N GLU A 338 -6.67 13.46 -21.93
CA GLU A 338 -7.15 13.63 -23.29
C GLU A 338 -6.39 12.70 -24.22
N PRO A 339 -7.02 11.66 -24.77
CA PRO A 339 -6.36 10.87 -25.81
C PRO A 339 -6.09 11.76 -27.03
N ASP A 340 -5.28 11.24 -27.95
CA ASP A 340 -4.68 12.07 -29.01
C ASP A 340 -5.74 12.88 -29.76
N ASP A 341 -6.80 12.23 -30.23
CA ASP A 341 -7.81 12.91 -31.05
C ASP A 341 -8.44 14.07 -30.30
N LYS A 342 -8.73 13.88 -29.02
CA LYS A 342 -9.32 14.93 -28.19
C LYS A 342 -8.31 16.02 -27.85
N ALA A 343 -7.08 15.64 -27.52
CA ALA A 343 -6.06 16.66 -27.27
C ALA A 343 -5.81 17.50 -28.51
N ILE A 344 -5.82 16.87 -29.69
CA ILE A 344 -5.63 17.63 -30.93
C ILE A 344 -6.77 18.60 -31.15
N THR A 345 -8.00 18.18 -30.83
CA THR A 345 -9.13 19.10 -30.91
C THR A 345 -8.90 20.33 -30.04
N ILE A 346 -8.51 20.12 -28.78
CA ILE A 346 -8.28 21.25 -27.88
C ILE A 346 -7.16 22.13 -28.41
N LEU A 347 -6.06 21.51 -28.83
CA LEU A 347 -4.90 22.26 -29.30
C LEU A 347 -5.24 23.09 -30.53
N ARG A 348 -6.05 22.54 -31.43
CA ARG A 348 -6.40 23.31 -32.62
C ARG A 348 -7.30 24.48 -32.29
N ARG A 349 -8.18 24.32 -31.30
CA ARG A 349 -8.94 25.47 -30.79
C ARG A 349 -8.00 26.54 -30.26
N CYS A 350 -6.94 26.15 -29.55
CA CYS A 350 -5.97 27.14 -29.07
C CYS A 350 -5.29 27.83 -30.25
N VAL A 351 -4.84 27.04 -31.22
CA VAL A 351 -4.08 27.57 -32.35
C VAL A 351 -4.89 28.63 -33.09
N GLU A 352 -6.17 28.37 -33.32
CA GLU A 352 -6.96 29.34 -34.09
C GLU A 352 -7.05 30.68 -33.38
N ALA A 353 -7.08 30.68 -32.05
CA ALA A 353 -7.16 31.93 -31.28
C ALA A 353 -5.81 32.60 -31.09
N MET A 354 -4.71 31.86 -31.22
CA MET A 354 -3.39 32.43 -30.98
C MET A 354 -2.98 33.37 -32.11
N ASP A 355 -2.28 34.43 -31.74
CA ASP A 355 -1.47 35.18 -32.69
C ASP A 355 -0.09 34.53 -32.71
N PRO A 356 0.34 33.92 -33.83
CA PRO A 356 1.61 33.19 -33.81
C PRO A 356 2.81 34.05 -33.43
N ASN A 357 2.71 35.37 -33.56
CA ASN A 357 3.85 36.23 -33.25
C ASN A 357 3.81 36.82 -31.85
N LYS A 358 2.72 36.65 -31.10
CA LYS A 358 2.75 37.13 -29.73
C LYS A 358 2.14 36.18 -28.70
N SER A 359 1.51 35.09 -29.10
CA SER A 359 0.91 34.16 -28.16
C SER A 359 1.83 32.97 -27.91
N ARG A 360 1.78 32.46 -26.68
CA ARG A 360 2.43 31.22 -26.28
C ARG A 360 1.38 30.24 -25.79
N LEU A 361 1.65 28.96 -25.94
CA LEU A 361 0.81 27.93 -25.36
C LEU A 361 1.63 27.20 -24.31
N LEU A 362 1.21 27.30 -23.05
CA LEU A 362 1.91 26.69 -21.93
C LEU A 362 1.13 25.49 -21.42
N THR A 363 1.78 24.34 -21.31
CA THR A 363 1.14 23.20 -20.66
C THR A 363 1.99 22.72 -19.49
N ARG A 364 1.33 22.30 -18.43
CA ARG A 364 1.95 21.70 -17.29
C ARG A 364 1.46 20.25 -17.25
N ASP A 365 2.35 19.31 -17.45
CA ASP A 365 2.05 17.89 -17.45
C ASP A 365 3.31 17.07 -17.17
N ILE A 366 3.08 15.84 -16.79
CA ILE A 366 4.12 14.91 -16.63
C ILE A 366 4.84 14.66 -17.96
N VAL A 367 6.15 14.69 -17.93
CA VAL A 367 6.97 14.32 -19.04
C VAL A 367 7.66 13.06 -18.49
N MET A 368 7.16 11.90 -18.89
CA MET A 368 7.61 10.63 -18.35
C MET A 368 9.11 10.42 -18.26
N ASP A 369 9.83 10.81 -19.28
CA ASP A 369 11.27 10.66 -19.25
C ASP A 369 11.99 11.88 -18.71
N GLY A 370 11.27 12.88 -18.18
CA GLY A 370 11.89 13.99 -17.51
C GLY A 370 12.07 15.24 -18.33
N GLY A 371 11.76 16.38 -17.72
CA GLY A 371 12.05 17.68 -18.30
C GLY A 371 13.47 18.12 -17.99
N ASP A 372 13.72 19.36 -18.28
CA ASP A 372 15.07 19.85 -17.98
C ASP A 372 15.05 20.70 -16.73
N PRO A 373 16.12 20.69 -15.95
CA PRO A 373 16.17 21.56 -14.78
C PRO A 373 16.38 22.99 -15.20
N PRO A 374 16.07 23.96 -14.35
CA PRO A 374 16.51 25.34 -14.59
C PRO A 374 17.98 25.39 -15.00
N ALA A 375 18.31 26.39 -15.83
CA ALA A 375 19.67 26.50 -16.37
C ALA A 375 20.72 26.49 -15.26
N GLU A 376 20.41 27.13 -14.12
CA GLU A 376 21.35 27.23 -13.02
C GLU A 376 21.66 25.88 -12.36
N ASP A 377 20.80 24.87 -12.57
CA ASP A 377 20.98 23.54 -11.99
C ASP A 377 21.47 22.50 -13.00
N ALA A 378 21.74 22.90 -14.25
CA ALA A 378 22.02 21.92 -15.30
C ALA A 378 23.38 21.23 -15.10
N VAL A 379 24.42 21.96 -14.73
CA VAL A 379 25.75 21.35 -14.58
C VAL A 379 25.81 20.61 -13.25
N ILE A 380 26.23 19.36 -13.28
CA ILE A 380 26.41 18.55 -12.07
C ILE A 380 27.78 18.90 -11.48
N ASN A 381 27.77 19.48 -10.31
CA ASN A 381 28.99 19.94 -9.68
C ASN A 381 29.55 19.09 -8.57
N GLY A 382 28.89 18.00 -8.28
CA GLY A 382 29.31 17.08 -7.29
C GLY A 382 29.67 15.73 -7.86
N ARG A 383 29.32 14.72 -7.10
CA ARG A 383 29.59 13.38 -7.50
C ARG A 383 28.38 12.73 -8.10
N ALA A 384 28.59 11.81 -9.02
CA ALA A 384 27.50 11.15 -9.72
C ALA A 384 26.60 10.35 -8.77
N ILE A 385 27.19 9.74 -7.76
CA ILE A 385 26.47 8.97 -6.76
C ILE A 385 25.29 9.75 -6.11
N ASN A 386 25.44 11.05 -5.88
CA ASN A 386 24.44 11.91 -5.35
C ASN A 386 23.61 12.65 -6.38
N SER A 387 23.74 12.31 -7.64
CA SER A 387 23.01 12.99 -8.70
C SER A 387 22.29 12.16 -9.77
N LYS A 388 22.81 10.98 -10.03
CA LYS A 388 22.32 10.07 -11.04
C LYS A 388 22.30 8.63 -10.57
N GLU A 389 21.40 7.87 -11.16
CA GLU A 389 21.20 6.46 -10.90
C GLU A 389 21.35 5.86 -12.25
N GLY A 390 22.57 5.39 -12.51
CA GLY A 390 22.98 4.87 -13.76
C GLY A 390 22.83 5.99 -14.78
N SER A 391 22.16 5.71 -15.85
CA SER A 391 21.99 6.73 -16.87
C SER A 391 20.89 7.73 -16.54
N TYR A 392 20.11 7.50 -15.48
CA TYR A 392 18.92 8.31 -15.19
C TYR A 392 19.18 9.45 -14.21
N GLU A 393 18.57 10.59 -14.48
CA GLU A 393 18.53 11.68 -13.51
C GLU A 393 17.90 11.19 -12.21
N ALA A 394 18.38 11.73 -11.10
CA ALA A 394 17.85 11.38 -9.77
C ALA A 394 16.33 11.50 -9.74
N GLY A 395 15.69 10.44 -9.26
CA GLY A 395 14.25 10.36 -9.17
C GLY A 395 13.62 9.58 -10.31
N LEU A 396 14.33 9.43 -11.42
CA LEU A 396 13.86 8.72 -12.60
C LEU A 396 14.51 7.34 -12.68
N GLY A 397 14.33 6.68 -13.82
CA GLY A 397 14.69 5.29 -13.96
C GLY A 397 13.68 4.36 -13.32
N PRO A 398 13.88 3.04 -13.47
CA PRO A 398 12.81 2.08 -13.14
C PRO A 398 12.45 1.98 -11.67
N THR A 399 13.32 2.40 -10.79
CA THR A 399 13.03 2.39 -9.40
C THR A 399 13.00 3.78 -8.76
N GLY A 400 13.02 4.81 -9.56
CA GLY A 400 13.00 6.16 -9.06
C GLY A 400 11.67 6.56 -8.43
N VAL A 401 11.72 7.39 -7.41
CA VAL A 401 10.53 7.77 -6.72
C VAL A 401 9.65 8.75 -7.51
N ILE A 402 10.24 9.55 -8.38
CA ILE A 402 9.45 10.44 -9.22
C ILE A 402 8.85 9.57 -10.31
N THR A 403 9.58 8.58 -10.79
CA THR A 403 9.06 7.61 -11.74
C THR A 403 7.81 6.94 -11.13
N ARG A 404 7.92 6.50 -9.89
CA ARG A 404 6.86 5.88 -9.17
C ARG A 404 5.62 6.74 -9.05
N LEU A 405 5.79 7.96 -8.59
CA LEU A 405 4.71 8.89 -8.49
C LEU A 405 4.04 9.16 -9.87
N ASN A 406 4.84 9.30 -10.90
CA ASN A 406 4.34 9.51 -12.22
C ASN A 406 3.55 8.27 -12.70
N ILE A 407 3.99 7.08 -12.35
CA ILE A 407 3.19 5.91 -12.69
C ILE A 407 1.91 5.88 -11.87
N GLY A 408 1.99 6.29 -10.60
CA GLY A 408 0.78 6.42 -9.80
C GLY A 408 -0.24 7.35 -10.43
N ILE A 409 0.22 8.50 -10.93
CA ILE A 409 -0.68 9.45 -11.59
C ILE A 409 -1.19 8.86 -12.91
N ASP A 410 -0.30 8.27 -13.71
CA ASP A 410 -0.67 7.52 -14.91
C ASP A 410 -1.80 6.54 -14.62
N PHE A 411 -1.66 5.75 -13.55
CA PHE A 411 -2.64 4.73 -13.24
C PHE A 411 -3.94 5.35 -12.76
N GLN A 412 -3.87 6.48 -12.06
CA GLN A 412 -5.07 7.15 -11.61
C GLN A 412 -5.91 7.63 -12.80
N VAL A 413 -5.28 8.28 -13.79
CA VAL A 413 -6.08 8.73 -14.92
C VAL A 413 -6.44 7.55 -15.81
N LEU A 414 -5.60 6.52 -15.85
CA LEU A 414 -6.01 5.28 -16.50
C LEU A 414 -7.27 4.73 -15.83
N ALA A 415 -7.23 4.62 -14.51
CA ALA A 415 -8.35 4.06 -13.78
C ALA A 415 -9.66 4.79 -14.09
N VAL A 416 -9.66 6.12 -13.98
CA VAL A 416 -10.95 6.83 -14.02
C VAL A 416 -11.40 7.19 -15.43
N VAL A 417 -10.48 7.47 -16.39
CA VAL A 417 -10.95 7.88 -17.72
C VAL A 417 -10.14 7.23 -18.84
N ASN A 418 -9.33 6.22 -18.50
CA ASN A 418 -8.41 5.61 -19.46
C ASN A 418 -7.45 6.64 -20.08
N GLY A 419 -7.08 7.64 -19.30
CA GLY A 419 -6.04 8.56 -19.70
C GLY A 419 -4.68 7.90 -19.63
N PHE A 420 -3.65 8.68 -19.95
CA PHE A 420 -2.29 8.15 -19.96
C PHE A 420 -1.28 9.28 -19.96
N GLU A 421 -0.09 9.02 -19.41
CA GLU A 421 0.99 10.00 -19.43
C GLU A 421 1.86 9.76 -20.66
N ARG A 422 2.64 10.78 -21.00
CA ARG A 422 3.40 10.80 -22.25
C ARG A 422 4.86 11.18 -22.01
N THR A 423 5.73 10.74 -22.91
CA THR A 423 7.12 11.18 -22.94
C THR A 423 7.24 12.51 -23.67
N ARG A 424 8.44 13.11 -23.61
CA ARG A 424 8.66 14.36 -24.33
C ARG A 424 8.47 14.18 -25.82
N GLU A 425 9.02 13.10 -26.37
CA GLU A 425 8.86 12.85 -27.80
C GLU A 425 7.39 12.67 -28.15
N GLU A 426 6.62 12.02 -27.28
CA GLU A 426 5.19 11.84 -27.53
C GLU A 426 4.45 13.18 -27.49
N TRP A 427 4.83 14.08 -26.57
CA TRP A 427 4.25 15.42 -26.53
C TRP A 427 4.55 16.19 -27.82
N VAL A 428 5.80 16.18 -28.26
CA VAL A 428 6.18 16.88 -29.47
C VAL A 428 5.45 16.29 -30.69
N THR A 429 5.41 14.95 -30.78
CA THR A 429 4.67 14.34 -31.88
C THR A 429 3.21 14.78 -31.88
N LEU A 430 2.58 14.81 -30.70
CA LEU A 430 1.18 15.16 -30.60
C LEU A 430 0.93 16.61 -31.03
N PHE A 431 1.73 17.53 -30.49
CA PHE A 431 1.56 18.93 -30.85
C PHE A 431 1.79 19.16 -32.34
N LYS A 432 2.79 18.49 -32.93
CA LYS A 432 3.03 18.70 -34.35
C LYS A 432 1.92 18.08 -35.21
N LYS A 433 1.27 17.02 -34.73
CA LYS A 433 0.08 16.52 -35.43
C LYS A 433 -1.04 17.56 -35.38
N ALA A 434 -1.16 18.26 -34.25
CA ALA A 434 -2.16 19.33 -34.13
C ALA A 434 -1.86 20.48 -35.10
N ASP A 435 -0.61 20.91 -35.15
CA ASP A 435 -0.19 21.95 -36.10
C ASP A 435 1.32 21.82 -36.31
N PRO A 436 1.78 21.62 -37.55
CA PRO A 436 3.22 21.40 -37.76
C PRO A 436 4.08 22.59 -37.37
N ARG A 437 3.48 23.77 -37.17
CA ARG A 437 4.25 24.93 -36.73
C ARG A 437 4.64 24.90 -35.26
N PHE A 438 4.05 24.01 -34.47
CA PHE A 438 4.36 23.95 -33.06
C PHE A 438 5.83 23.60 -32.83
N ALA A 439 6.45 24.28 -31.88
CA ALA A 439 7.80 23.94 -31.46
C ALA A 439 7.87 24.04 -29.94
N LEU A 440 8.53 23.05 -29.34
CA LEU A 440 8.78 23.05 -27.91
C LEU A 440 9.96 23.97 -27.61
N LYS A 441 9.70 25.12 -26.99
CA LYS A 441 10.75 26.10 -26.71
C LYS A 441 11.38 25.89 -25.34
N GLY A 442 10.66 25.32 -24.40
CA GLY A 442 11.21 25.04 -23.09
C GLY A 442 10.43 23.91 -22.47
N CYS A 443 11.09 23.15 -21.61
CA CYS A 443 10.48 21.99 -20.94
C CYS A 443 11.18 21.90 -19.58
N ILE A 444 10.65 22.64 -18.61
CA ILE A 444 11.34 22.89 -17.35
C ILE A 444 10.66 22.07 -16.26
N GLN A 445 11.44 21.22 -15.59
CA GLN A 445 10.97 20.41 -14.47
C GLN A 445 11.88 20.68 -13.29
N THR A 446 11.35 21.35 -12.26
CA THR A 446 12.17 21.66 -11.10
C THR A 446 12.48 20.39 -10.32
N VAL A 447 13.72 20.32 -9.80
CA VAL A 447 14.18 19.09 -9.16
C VAL A 447 13.34 18.83 -7.92
N GLY A 448 12.76 17.63 -7.84
CA GLY A 448 11.82 17.28 -6.80
C GLY A 448 10.37 17.36 -7.22
N ASN A 449 10.08 17.96 -8.37
CA ASN A 449 8.74 18.01 -8.94
C ASN A 449 8.57 16.86 -9.92
N CYS A 450 7.32 16.44 -10.11
CA CYS A 450 7.04 15.37 -11.06
C CYS A 450 6.47 15.87 -12.38
N ALA A 451 6.09 17.13 -12.47
CA ALA A 451 5.54 17.73 -13.68
C ALA A 451 6.53 18.73 -14.27
N ALA A 452 6.41 18.93 -15.59
CA ALA A 452 7.19 19.94 -16.30
C ALA A 452 6.25 21.04 -16.79
N LEU A 453 6.80 22.23 -16.95
CA LEU A 453 6.10 23.30 -17.66
C LEU A 453 6.67 23.40 -19.06
N MET A 454 5.84 23.14 -20.06
CA MET A 454 6.27 23.14 -21.45
C MET A 454 5.78 24.41 -22.12
N GLU A 455 6.71 25.10 -22.78
CA GLU A 455 6.41 26.34 -23.50
C GLU A 455 6.43 26.05 -25.00
N TRP A 456 5.30 26.22 -25.60
CA TRP A 456 5.11 25.98 -27.01
C TRP A 456 4.83 27.27 -27.78
N ILE A 457 5.39 27.36 -28.95
CA ILE A 457 5.10 28.45 -29.84
C ILE A 457 4.86 27.95 -31.27
N LEU A 458 4.25 28.80 -32.09
CA LEU A 458 4.02 28.51 -33.47
C LEU A 458 5.04 29.23 -34.33
N GLU A 459 5.92 28.52 -35.01
CA GLU A 459 6.88 29.15 -35.88
C GLU A 459 6.72 28.68 -37.29
N GLU A 460 6.96 29.58 -38.23
CA GLU A 460 6.84 29.25 -39.65
C GLU A 460 7.86 28.32 -40.30
N VAL B 2 14.36 11.79 16.17
CA VAL B 2 15.34 11.09 15.36
C VAL B 2 15.57 11.86 14.05
N THR B 3 16.77 11.75 13.49
CA THR B 3 17.18 12.50 12.31
C THR B 3 17.64 11.55 11.23
N LEU B 4 17.77 12.06 10.00
CA LEU B 4 18.26 11.23 8.90
C LEU B 4 19.62 10.62 9.21
N ALA B 5 20.53 11.38 9.82
CA ALA B 5 21.87 10.86 10.08
C ALA B 5 21.85 9.77 11.15
N GLU B 6 21.02 9.95 12.18
CA GLU B 6 20.90 8.91 13.20
C GLU B 6 20.36 7.62 12.59
N LEU B 7 19.31 7.73 11.78
CA LEU B 7 18.77 6.55 11.12
C LEU B 7 19.81 5.89 10.23
N ALA B 8 20.54 6.65 9.48
CA ALA B 8 21.55 6.09 8.64
C ALA B 8 22.61 5.37 9.46
N SER B 9 22.93 5.93 10.59
CA SER B 9 23.93 5.40 11.45
C SER B 9 23.47 4.05 12.03
N ASP B 10 22.25 4.00 12.49
CA ASP B 10 21.64 2.80 13.00
C ASP B 10 21.68 1.72 11.91
N ILE B 11 21.30 2.06 10.71
CA ILE B 11 21.30 1.14 9.61
C ILE B 11 22.67 0.50 9.39
N GLN B 12 23.72 1.29 9.39
CA GLN B 12 25.05 0.78 9.24
C GLN B 12 25.40 -0.28 10.29
N SER B 13 25.07 -0.05 11.54
CA SER B 13 25.33 -1.03 12.59
C SER B 13 24.63 -2.37 12.35
N GLN B 14 23.36 -2.31 12.02
CA GLN B 14 22.61 -3.49 11.77
C GLN B 14 23.13 -4.21 10.57
N VAL B 15 23.43 -3.47 9.51
CA VAL B 15 23.95 -4.08 8.32
C VAL B 15 25.25 -4.83 8.59
N LYS B 16 26.11 -4.21 9.35
CA LYS B 16 27.38 -4.77 9.71
C LYS B 16 27.23 -6.12 10.38
N VAL B 17 26.25 -6.26 11.26
CA VAL B 17 26.00 -7.55 11.89
C VAL B 17 25.70 -8.61 10.84
N ILE B 18 24.78 -8.29 9.93
CA ILE B 18 24.41 -9.26 8.91
C ILE B 18 25.57 -9.46 7.93
N ASP B 19 26.14 -8.36 7.45
CA ASP B 19 27.23 -8.44 6.50
C ASP B 19 28.38 -9.28 7.05
N THR B 20 28.75 -9.05 8.32
CA THR B 20 29.82 -9.84 8.94
C THR B 20 29.45 -11.31 9.03
N TYR B 21 28.20 -11.61 9.41
CA TYR B 21 27.84 -13.01 9.63
C TYR B 21 27.83 -13.78 8.31
N LEU B 22 27.31 -13.15 7.25
CA LEU B 22 27.26 -13.82 5.95
C LEU B 22 28.66 -14.08 5.41
N THR B 23 29.52 -13.06 5.46
CA THR B 23 30.92 -13.21 5.05
C THR B 23 31.59 -14.31 5.85
N GLU B 24 31.54 -14.18 7.18
CA GLU B 24 32.21 -15.12 8.06
C GLU B 24 31.64 -16.53 7.97
N HIS B 25 30.47 -16.73 7.38
CA HIS B 25 29.90 -18.07 7.23
C HIS B 25 29.90 -18.55 5.79
N ASN B 26 30.49 -17.78 4.87
CA ASN B 26 30.48 -18.11 3.45
C ASN B 26 29.05 -18.38 2.96
N LEU B 27 28.19 -17.38 3.17
CA LEU B 27 26.81 -17.48 2.72
C LEU B 27 26.53 -16.39 1.70
N PRO B 28 25.86 -16.73 0.60
CA PRO B 28 25.58 -15.72 -0.43
C PRO B 28 24.77 -14.55 0.12
N GLN B 29 25.07 -13.37 -0.39
CA GLN B 29 24.40 -12.13 -0.04
C GLN B 29 23.03 -12.05 -0.70
N PRO B 30 22.01 -11.59 0.03
CA PRO B 30 20.73 -11.25 -0.64
C PRO B 30 20.96 -10.18 -1.70
N THR B 31 20.33 -10.36 -2.86
CA THR B 31 20.25 -9.35 -3.91
C THR B 31 18.83 -9.35 -4.47
N PHE B 32 18.62 -8.60 -5.55
CA PHE B 32 17.34 -8.67 -6.26
C PHE B 32 17.37 -9.65 -7.43
N ALA B 33 18.46 -10.38 -7.61
CA ALA B 33 18.52 -11.32 -8.71
C ALA B 33 17.66 -12.54 -8.40
N PRO B 34 17.12 -13.19 -9.43
CA PRO B 34 16.35 -14.42 -9.20
C PRO B 34 17.07 -15.48 -8.40
N ASP B 35 18.41 -15.57 -8.47
CA ASP B 35 19.14 -16.59 -7.74
C ASP B 35 19.47 -16.19 -6.31
N SER B 36 18.96 -15.05 -5.84
CA SER B 36 19.27 -14.62 -4.49
C SER B 36 18.71 -15.60 -3.47
N PRO B 37 19.34 -15.71 -2.29
CA PRO B 37 18.64 -16.35 -1.17
C PRO B 37 17.35 -15.60 -0.89
N ARG B 38 16.31 -16.34 -0.55
CA ARG B 38 15.00 -15.76 -0.32
C ARG B 38 14.84 -15.23 1.11
N GLU B 39 15.79 -15.52 1.99
CA GLU B 39 15.71 -15.12 3.38
C GLU B 39 17.13 -15.06 3.93
N LEU B 40 17.27 -14.42 5.07
CA LEU B 40 18.53 -14.40 5.81
C LEU B 40 18.59 -15.58 6.75
N PRO B 41 19.76 -15.89 7.29
CA PRO B 41 19.86 -17.03 8.22
C PRO B 41 18.98 -16.84 9.46
N LEU B 42 18.55 -17.97 10.01
CA LEU B 42 17.65 -17.91 11.15
C LEU B 42 18.37 -17.65 12.46
N ASP B 43 19.70 -17.53 12.44
CA ASP B 43 20.42 -17.14 13.64
C ASP B 43 19.78 -15.92 14.28
N ALA B 44 19.58 -16.00 15.60
CA ALA B 44 18.75 -15.00 16.29
C ALA B 44 19.37 -13.61 16.24
N ASN B 45 20.69 -13.50 16.33
CA ASN B 45 21.33 -12.19 16.24
C ASN B 45 21.16 -11.59 14.84
N VAL B 46 21.25 -12.43 13.80
CA VAL B 46 21.06 -11.96 12.43
C VAL B 46 19.62 -11.49 12.23
N GLN B 47 18.66 -12.28 12.74
CA GLN B 47 17.26 -11.93 12.56
C GLN B 47 16.91 -10.67 13.34
N ARG B 48 17.45 -10.51 14.54
CA ARG B 48 17.24 -9.28 15.28
C ARG B 48 17.75 -8.07 14.48
N ALA B 49 18.94 -8.19 13.91
CA ALA B 49 19.46 -7.07 13.12
C ALA B 49 18.62 -6.82 11.88
N ARG B 50 18.14 -7.89 11.24
CA ARG B 50 17.30 -7.74 10.06
C ARG B 50 16.02 -6.98 10.40
N LEU B 51 15.36 -7.36 11.50
CA LEU B 51 14.10 -6.71 11.87
C LEU B 51 14.31 -5.23 12.18
N LEU B 52 15.35 -4.90 12.93
CA LEU B 52 15.67 -3.49 13.18
C LEU B 52 16.04 -2.78 11.90
N LEU B 53 16.79 -3.45 11.03
CA LEU B 53 17.21 -2.84 9.77
C LEU B 53 16.00 -2.44 8.94
N ILE B 54 15.05 -3.36 8.80
CA ILE B 54 13.84 -3.04 8.05
C ILE B 54 13.15 -1.84 8.65
N GLU B 55 12.96 -1.86 9.97
CA GLU B 55 12.26 -0.79 10.67
C GLU B 55 12.96 0.55 10.47
N LYS B 56 14.29 0.57 10.57
CA LYS B 56 15.02 1.83 10.42
C LYS B 56 14.98 2.31 8.97
N ALA B 57 15.07 1.38 8.02
CA ALA B 57 15.05 1.74 6.60
C ALA B 57 13.69 2.29 6.20
N MET B 58 12.60 1.72 6.75
CA MET B 58 11.27 2.29 6.54
C MET B 58 11.16 3.67 7.18
N ALA B 59 11.74 3.85 8.36
CA ALA B 59 11.73 5.19 8.98
C ALA B 59 12.49 6.18 8.13
N LEU B 60 13.59 5.74 7.53
CA LEU B 60 14.44 6.64 6.74
C LEU B 60 13.73 7.08 5.46
N SER B 61 13.16 6.13 4.71
CA SER B 61 12.43 6.54 3.51
C SER B 61 11.26 7.44 3.87
N ASN B 62 10.60 7.16 4.99
CA ASN B 62 9.47 7.97 5.43
C ASN B 62 9.91 9.39 5.76
N LEU B 63 10.96 9.51 6.59
CA LEU B 63 11.48 10.82 6.96
C LEU B 63 12.00 11.59 5.74
N ALA B 64 12.69 10.91 4.83
CA ALA B 64 13.19 11.59 3.65
C ALA B 64 12.05 12.04 2.73
N ILE B 65 10.98 11.23 2.61
CA ILE B 65 9.82 11.70 1.86
C ILE B 65 9.28 12.99 2.46
N GLY B 66 9.17 13.01 3.79
CA GLY B 66 8.78 14.21 4.49
C GLY B 66 7.27 14.32 4.65
N ALA B 67 6.86 15.17 5.60
CA ALA B 67 5.46 15.23 5.97
C ALA B 67 4.58 15.78 4.85
N ALA B 68 5.10 16.70 4.02
CA ALA B 68 4.29 17.22 2.93
C ALA B 68 3.96 16.13 1.91
N ASP B 69 4.93 15.29 1.57
CA ASP B 69 4.71 14.34 0.50
C ASP B 69 4.19 12.98 0.97
N ASN B 70 4.27 12.67 2.26
CA ASN B 70 3.96 11.33 2.74
C ASN B 70 2.50 10.96 2.45
N LEU B 71 1.55 11.71 3.00
CA LEU B 71 0.13 11.40 2.75
C LEU B 71 -0.23 11.57 1.27
N ARG B 72 0.31 12.62 0.64
CA ARG B 72 0.05 12.84 -0.78
C ARG B 72 0.50 11.65 -1.62
N TRP B 73 1.75 11.21 -1.42
CA TRP B 73 2.25 10.11 -2.23
C TRP B 73 1.60 8.80 -1.84
N HIS B 74 1.30 8.63 -0.57
CA HIS B 74 0.74 7.41 -0.10
C HIS B 74 -0.59 7.06 -0.75
N CYS B 75 -1.52 7.98 -0.69
CA CYS B 75 -2.84 7.74 -1.25
C CYS B 75 -2.83 7.72 -2.77
N MET B 76 -1.76 8.20 -3.38
CA MET B 76 -1.63 8.08 -4.81
C MET B 76 -1.16 6.70 -5.17
N ASN B 77 -0.05 6.29 -4.61
CA ASN B 77 0.62 5.09 -4.99
C ASN B 77 0.30 3.72 -4.40
N ASN B 78 0.17 3.66 -3.09
CA ASN B 78 0.05 2.35 -2.45
C ASN B 78 -1.02 1.44 -3.04
N LYS B 79 -2.20 1.95 -3.34
CA LYS B 79 -3.25 1.18 -3.95
C LYS B 79 -2.86 0.54 -5.27
N PHE B 80 -1.96 1.17 -6.00
CA PHE B 80 -1.60 0.62 -7.29
C PHE B 80 -0.51 -0.44 -7.20
N ASP B 81 0.18 -0.56 -6.06
CA ASP B 81 1.03 -1.72 -5.85
C ASP B 81 0.17 -2.98 -5.75
N ASP B 82 -0.97 -2.88 -5.07
CA ASP B 82 -1.94 -3.97 -5.07
C ASP B 82 -2.49 -4.23 -6.47
N MET B 83 -2.90 -3.16 -7.17
CA MET B 83 -3.45 -3.36 -8.50
C MET B 83 -2.42 -3.99 -9.43
N THR B 84 -1.14 -3.67 -9.26
CA THR B 84 -0.12 -4.27 -10.12
C THR B 84 -0.03 -5.78 -9.88
N LEU B 85 0.00 -6.20 -8.60
CA LEU B 85 -0.02 -7.62 -8.27
C LEU B 85 -1.29 -8.30 -8.75
N HIS B 86 -2.41 -7.59 -8.72
CA HIS B 86 -3.67 -8.13 -9.26
C HIS B 86 -3.53 -8.47 -10.76
N PHE B 87 -2.96 -7.56 -11.54
CA PHE B 87 -2.70 -7.85 -12.96
C PHE B 87 -1.73 -9.02 -13.12
N LEU B 88 -0.64 -9.03 -12.35
CA LEU B 88 0.38 -10.06 -12.51
C LEU B 88 -0.19 -11.44 -12.23
N ALA B 89 -1.05 -11.55 -11.23
CA ALA B 89 -1.66 -12.81 -10.89
C ALA B 89 -2.73 -13.21 -11.91
N ARG B 90 -3.63 -12.29 -12.24
CA ARG B 90 -4.74 -12.65 -13.12
C ARG B 90 -4.25 -12.95 -14.54
N TYR B 91 -3.17 -12.33 -14.97
CA TYR B 91 -2.63 -12.64 -16.29
C TYR B 91 -1.53 -13.69 -16.24
N ASN B 92 -1.25 -14.26 -15.06
CA ASN B 92 -0.28 -15.36 -14.96
C ASN B 92 1.09 -14.91 -15.46
N ILE B 93 1.46 -13.67 -15.15
CA ILE B 93 2.68 -13.11 -15.74
C ILE B 93 3.94 -13.67 -15.06
N PHE B 94 3.85 -14.03 -13.77
CA PHE B 94 4.99 -14.64 -13.11
C PHE B 94 5.44 -15.88 -13.88
N ASP B 95 4.49 -16.74 -14.27
CA ASP B 95 4.85 -17.95 -15.00
C ASP B 95 5.28 -17.66 -16.43
N ALA B 96 4.73 -16.61 -17.02
CA ALA B 96 5.03 -16.25 -18.40
C ALA B 96 6.43 -15.72 -18.63
N VAL B 97 7.03 -15.14 -17.61
CA VAL B 97 8.35 -14.60 -17.72
C VAL B 97 9.32 -15.69 -17.26
N PRO B 98 10.21 -16.13 -18.11
CA PRO B 98 11.17 -17.18 -17.73
C PRO B 98 12.01 -16.77 -16.53
N ARG B 99 12.26 -17.68 -15.63
CA ARG B 99 13.04 -17.37 -14.45
C ARG B 99 14.44 -16.79 -14.75
N ASP B 100 15.13 -17.37 -15.71
CA ASP B 100 16.52 -17.03 -15.99
C ASP B 100 16.88 -16.41 -17.34
N GLU B 101 15.88 -16.02 -18.11
CA GLU B 101 16.02 -15.37 -19.39
C GLU B 101 15.11 -14.16 -19.44
N PRO B 102 15.47 -13.11 -20.16
CA PRO B 102 14.55 -12.00 -20.37
C PRO B 102 13.53 -12.31 -21.47
N ILE B 103 12.45 -11.56 -21.52
CA ILE B 103 11.44 -11.73 -22.56
C ILE B 103 10.99 -10.34 -22.99
N SER B 104 10.76 -10.18 -24.29
CA SER B 104 10.34 -8.88 -24.80
C SER B 104 8.90 -8.61 -24.41
N TYR B 105 8.56 -7.32 -24.30
CA TYR B 105 7.16 -6.97 -24.05
C TYR B 105 6.24 -7.55 -25.11
N ALA B 106 6.70 -7.53 -26.37
CA ALA B 106 5.90 -8.10 -27.44
C ALA B 106 5.60 -9.56 -27.18
N GLU B 107 6.64 -10.37 -26.91
CA GLU B 107 6.42 -11.79 -26.73
C GLU B 107 5.61 -12.07 -25.47
N LEU B 108 5.89 -11.33 -24.38
CA LEU B 108 5.11 -11.49 -23.15
C LEU B 108 3.65 -11.12 -23.39
N SER B 109 3.41 -10.05 -24.13
CA SER B 109 2.04 -9.64 -24.46
C SER B 109 1.27 -10.76 -25.14
N LYS B 110 1.90 -11.44 -26.12
CA LYS B 110 1.21 -12.51 -26.83
C LYS B 110 0.96 -13.70 -25.92
N LYS B 111 1.92 -14.02 -25.05
CA LYS B 111 1.76 -15.15 -24.15
C LYS B 111 0.57 -14.96 -23.21
N VAL B 112 0.41 -13.76 -22.65
CA VAL B 112 -0.61 -13.59 -21.61
C VAL B 112 -1.89 -12.91 -22.09
N GLY B 113 -1.94 -12.45 -23.34
CA GLY B 113 -3.15 -11.82 -23.83
C GLY B 113 -3.45 -10.47 -23.21
N LEU B 114 -2.43 -9.69 -22.87
CA LEU B 114 -2.57 -8.32 -22.42
C LEU B 114 -1.85 -7.44 -23.43
N ALA B 115 -2.57 -6.46 -24.00
CA ALA B 115 -2.01 -5.57 -24.99
C ALA B 115 -0.71 -4.93 -24.49
N GLU B 116 0.25 -4.80 -25.38
CA GLU B 116 1.57 -4.27 -25.10
C GLU B 116 1.69 -2.94 -24.33
N HIS B 117 0.91 -1.93 -24.68
CA HIS B 117 0.98 -0.64 -24.02
C HIS B 117 0.56 -0.74 -22.58
N ARG B 118 -0.49 -1.46 -22.33
CA ARG B 118 -0.95 -1.62 -21.00
C ARG B 118 -0.01 -2.53 -20.24
N LEU B 119 0.52 -3.55 -20.88
CA LEU B 119 1.47 -4.43 -20.24
C LEU B 119 2.69 -3.66 -19.72
N ARG B 120 3.25 -2.83 -20.57
CA ARG B 120 4.38 -1.99 -20.24
C ARG B 120 4.12 -1.12 -19.01
N ARG B 121 2.96 -0.53 -18.98
CA ARG B 121 2.55 0.32 -17.88
C ARG B 121 2.47 -0.46 -16.56
N ILE B 122 1.84 -1.63 -16.63
CA ILE B 122 1.73 -2.46 -15.43
C ILE B 122 3.12 -2.87 -14.96
N MET B 123 3.95 -3.37 -15.88
CA MET B 123 5.27 -3.84 -15.48
C MET B 123 6.08 -2.72 -14.84
N SER B 124 5.95 -1.50 -15.37
CA SER B 124 6.75 -0.38 -14.86
C SER B 124 6.44 -0.10 -13.38
N MET B 125 5.17 -0.25 -12.97
CA MET B 125 4.87 -0.08 -11.55
C MET B 125 5.45 -1.21 -10.72
N ALA B 126 5.36 -2.45 -11.22
CA ALA B 126 6.01 -3.59 -10.55
C ALA B 126 7.49 -3.31 -10.28
N TYR B 127 8.21 -2.76 -11.26
CA TYR B 127 9.64 -2.54 -11.12
C TYR B 127 9.96 -1.68 -9.90
N THR B 128 9.10 -0.70 -9.59
CA THR B 128 9.42 0.25 -8.54
C THR B 128 9.37 -0.40 -7.16
N GLN B 129 8.71 -1.56 -7.02
CA GLN B 129 8.76 -2.32 -5.78
C GLN B 129 9.62 -3.56 -5.94
N HIS B 130 10.49 -3.58 -6.96
CA HIS B 130 11.44 -4.67 -7.18
C HIS B 130 10.75 -5.99 -7.48
N TYR B 131 9.56 -5.95 -8.05
CA TYR B 131 8.94 -7.10 -8.69
C TYR B 131 9.23 -7.00 -10.18
N PHE B 132 10.02 -7.94 -10.70
CA PHE B 132 10.57 -7.88 -12.06
C PHE B 132 11.49 -6.67 -12.22
N CYS B 133 12.19 -6.64 -13.36
CA CYS B 133 13.06 -5.52 -13.74
C CYS B 133 13.09 -5.46 -15.25
N THR B 134 13.70 -4.40 -15.79
CA THR B 134 13.90 -4.33 -17.23
C THR B 134 15.40 -4.28 -17.51
N PRO B 135 16.00 -5.41 -17.89
CA PRO B 135 17.47 -5.45 -18.06
C PRO B 135 17.96 -4.75 -19.32
N LYS B 136 17.10 -4.58 -20.32
CA LYS B 136 17.45 -3.85 -21.54
C LYS B 136 16.17 -3.32 -22.16
N PRO B 137 16.23 -2.22 -22.90
CA PRO B 137 15.01 -1.62 -23.45
C PRO B 137 14.13 -2.64 -24.16
N GLY B 138 12.85 -2.66 -23.79
CA GLY B 138 11.89 -3.56 -24.40
C GLY B 138 11.83 -4.96 -23.83
N PHE B 139 12.53 -5.24 -22.74
CA PHE B 139 12.63 -6.59 -22.20
C PHE B 139 12.32 -6.57 -20.70
N VAL B 140 11.75 -7.69 -20.24
CA VAL B 140 11.36 -7.92 -18.85
C VAL B 140 12.13 -9.12 -18.34
N ALA B 141 12.58 -9.06 -17.08
CA ALA B 141 13.17 -10.22 -16.42
C ALA B 141 12.64 -10.29 -15.00
N HIS B 142 12.80 -11.45 -14.38
CA HIS B 142 12.37 -11.63 -13.00
C HIS B 142 13.32 -10.94 -12.02
N THR B 143 12.82 -10.72 -10.80
CA THR B 143 13.64 -10.43 -9.64
C THR B 143 13.43 -11.55 -8.63
N SER B 144 14.20 -11.50 -7.54
CA SER B 144 13.96 -12.45 -6.45
C SER B 144 12.51 -12.40 -5.98
N ASN B 145 11.97 -11.18 -5.85
CA ASN B 145 10.63 -11.01 -5.28
C ASN B 145 9.56 -11.63 -6.15
N SER B 146 9.70 -11.52 -7.46
CA SER B 146 8.73 -12.11 -8.37
C SER B 146 9.03 -13.57 -8.67
N ALA B 147 10.31 -13.96 -8.69
CA ALA B 147 10.66 -15.35 -8.99
C ALA B 147 10.08 -16.32 -7.96
N MET B 148 9.90 -15.88 -6.70
CA MET B 148 9.37 -16.83 -5.72
C MET B 148 7.94 -17.26 -6.05
N ALA B 149 7.20 -16.49 -6.85
CA ALA B 149 5.83 -16.87 -7.22
C ALA B 149 5.75 -17.79 -8.44
N ILE B 150 6.88 -18.04 -9.11
CA ILE B 150 6.86 -18.86 -10.32
C ILE B 150 6.38 -20.26 -9.98
N GLY B 151 5.37 -20.74 -10.71
CA GLY B 151 4.88 -22.10 -10.50
C GLY B 151 4.27 -22.35 -9.14
N ASP B 152 3.87 -21.31 -8.42
CA ASP B 152 3.35 -21.46 -7.06
C ASP B 152 1.94 -20.88 -7.00
N PRO B 153 0.91 -21.69 -7.22
CA PRO B 153 -0.47 -21.19 -7.05
C PRO B 153 -0.79 -20.69 -5.66
N LEU B 154 -0.02 -21.09 -4.64
CA LEU B 154 -0.29 -20.59 -3.30
C LEU B 154 -0.03 -19.10 -3.22
N ALA B 155 1.01 -18.63 -3.92
CA ALA B 155 1.28 -17.19 -3.95
C ALA B 155 0.18 -16.44 -4.65
N LEU B 156 -0.31 -16.97 -5.79
CA LEU B 156 -1.42 -16.34 -6.48
C LEU B 156 -2.68 -16.37 -5.62
N ALA B 157 -2.85 -17.42 -4.80
CA ALA B 157 -3.99 -17.48 -3.91
C ALA B 157 -3.95 -16.33 -2.92
N TRP B 158 -2.78 -16.04 -2.37
CA TRP B 158 -2.66 -14.95 -1.42
C TRP B 158 -2.98 -13.61 -2.08
N ILE B 159 -2.51 -13.39 -3.30
CA ILE B 159 -2.81 -12.14 -4.00
C ILE B 159 -4.32 -11.99 -4.20
N LEU B 160 -4.97 -13.03 -4.71
CA LEU B 160 -6.37 -12.88 -5.11
C LEU B 160 -7.32 -12.92 -3.91
N HIS B 161 -7.02 -13.72 -2.89
CA HIS B 161 -7.83 -13.67 -1.69
C HIS B 161 -7.88 -12.25 -1.11
N ASN B 162 -6.74 -11.58 -1.04
CA ASN B 162 -6.72 -10.24 -0.43
C ASN B 162 -7.34 -9.21 -1.35
N ILE B 163 -7.04 -9.25 -2.64
CA ILE B 163 -7.45 -8.17 -3.51
C ILE B 163 -8.86 -8.37 -4.05
N GLU B 164 -9.31 -9.62 -4.21
CA GLU B 164 -10.64 -9.88 -4.75
C GLU B 164 -11.67 -10.25 -3.68
N GLU B 165 -11.25 -10.49 -2.43
CA GLU B 165 -12.23 -10.80 -1.39
C GLU B 165 -12.08 -9.90 -0.15
N VAL B 166 -10.94 -9.98 0.54
CA VAL B 166 -10.83 -9.28 1.81
C VAL B 166 -10.99 -7.78 1.63
N GLN B 167 -10.24 -7.21 0.69
CA GLN B 167 -10.24 -5.76 0.57
C GLN B 167 -11.58 -5.23 0.05
N PRO B 168 -12.13 -5.71 -1.07
CA PRO B 168 -13.38 -5.09 -1.55
C PRO B 168 -14.60 -5.49 -0.74
N TRP B 169 -14.62 -6.70 -0.17
CA TRP B 169 -15.83 -7.11 0.54
C TRP B 169 -15.84 -6.69 2.00
N TYR B 170 -14.66 -6.60 2.64
CA TYR B 170 -14.56 -6.43 4.09
C TYR B 170 -13.79 -5.17 4.48
N SER B 171 -12.49 -5.07 4.17
CA SER B 171 -11.70 -4.00 4.79
C SER B 171 -12.07 -2.63 4.24
N ASN B 172 -12.40 -2.53 2.95
CA ASN B 172 -12.86 -1.24 2.43
C ASN B 172 -14.19 -0.81 3.06
N LYS B 173 -14.96 -1.76 3.60
CA LYS B 173 -16.27 -1.49 4.20
C LYS B 173 -16.22 -1.48 5.73
N LEU B 174 -15.03 -1.61 6.31
CA LEU B 174 -14.93 -1.74 7.76
C LEU B 174 -15.34 -0.47 8.49
N VAL B 175 -15.08 0.72 7.91
CA VAL B 175 -15.56 1.94 8.54
C VAL B 175 -17.09 1.93 8.57
N ASP B 176 -17.71 1.61 7.44
CA ASP B 176 -19.18 1.55 7.39
C ASP B 176 -19.71 0.51 8.37
N ALA B 177 -19.05 -0.64 8.45
CA ALA B 177 -19.45 -1.68 9.41
C ALA B 177 -19.33 -1.19 10.84
N THR B 178 -18.24 -0.46 11.16
CA THR B 178 -18.09 0.06 12.52
C THR B 178 -19.15 1.10 12.83
N MET B 179 -19.46 1.97 11.85
CA MET B 179 -20.49 2.96 12.11
C MET B 179 -21.87 2.32 12.23
N LYS B 180 -22.07 1.16 11.62
CA LYS B 180 -23.38 0.51 11.71
C LYS B 180 -23.53 -0.30 12.99
N TRP B 181 -22.54 -1.11 13.32
CA TRP B 181 -22.65 -2.05 14.42
C TRP B 181 -21.70 -1.76 15.57
N GLY B 182 -20.87 -0.72 15.48
CA GLY B 182 -19.96 -0.46 16.56
C GLY B 182 -18.83 -1.49 16.60
N ASP B 183 -18.28 -1.64 17.80
CA ASP B 183 -17.15 -2.55 18.03
C ASP B 183 -17.65 -3.97 18.31
N SER B 184 -18.38 -4.51 17.34
CA SER B 184 -19.06 -5.78 17.50
C SER B 184 -18.07 -6.95 17.39
N ILE B 185 -18.38 -8.02 18.10
CA ILE B 185 -17.63 -9.26 17.97
C ILE B 185 -18.46 -10.34 17.28
N ASP B 186 -19.56 -9.92 16.63
CA ASP B 186 -20.44 -10.83 15.94
C ASP B 186 -19.96 -10.99 14.50
N PRO B 187 -19.63 -12.20 14.05
CA PRO B 187 -19.12 -12.37 12.67
C PRO B 187 -20.13 -12.00 11.60
N LYS B 188 -21.42 -11.91 11.93
CA LYS B 188 -22.41 -11.42 10.98
C LYS B 188 -22.29 -9.92 10.74
N HIS B 189 -21.64 -9.19 11.64
CA HIS B 189 -21.58 -7.73 11.54
C HIS B 189 -20.31 -7.33 10.78
N THR B 190 -20.32 -7.70 9.49
CA THR B 190 -19.19 -7.50 8.60
C THR B 190 -19.70 -6.95 7.27
N GLY B 191 -18.75 -6.48 6.47
CA GLY B 191 -19.03 -5.70 5.28
C GLY B 191 -20.17 -6.20 4.38
N PRO B 192 -20.20 -7.50 4.07
CA PRO B 192 -21.21 -7.98 3.10
C PRO B 192 -22.64 -7.80 3.57
N ASN B 193 -22.86 -7.60 4.86
CA ASN B 193 -24.20 -7.57 5.44
C ASN B 193 -24.65 -6.17 5.79
N LEU B 194 -23.97 -5.15 5.26
CA LEU B 194 -24.34 -3.77 5.55
C LEU B 194 -25.82 -3.51 5.27
N ASN B 195 -26.36 -4.13 4.21
CA ASN B 195 -27.75 -3.96 3.85
C ASN B 195 -28.53 -5.28 3.89
N ALA B 196 -28.08 -6.22 4.71
CA ALA B 196 -28.77 -7.50 4.82
C ALA B 196 -29.96 -7.40 5.80
N LYS B 197 -31.01 -8.19 5.52
CA LYS B 197 -32.13 -8.28 6.45
C LYS B 197 -31.72 -9.08 7.68
N PRO B 198 -32.19 -8.72 8.88
CA PRO B 198 -31.90 -9.53 10.07
C PRO B 198 -32.18 -11.01 9.80
N GLY B 199 -31.25 -11.85 10.25
CA GLY B 199 -31.32 -13.27 10.01
C GLY B 199 -30.79 -13.72 8.68
N GLU B 200 -30.68 -12.82 7.69
CA GLU B 200 -30.20 -13.17 6.36
C GLU B 200 -28.73 -12.81 6.15
N GLU B 201 -28.01 -12.47 7.21
CA GLU B 201 -26.59 -12.16 7.09
C GLU B 201 -25.84 -13.38 6.60
N LYS B 202 -24.82 -13.16 5.78
CA LYS B 202 -23.92 -14.22 5.33
C LYS B 202 -22.60 -14.12 6.09
N LEU B 203 -22.15 -15.24 6.60
CA LEU B 203 -20.86 -15.31 7.26
C LEU B 203 -19.75 -15.47 6.22
N PHE B 204 -18.56 -14.94 6.55
CA PHE B 204 -17.41 -15.11 5.67
C PHE B 204 -17.21 -16.58 5.30
N TYR B 205 -17.21 -17.47 6.29
CA TYR B 205 -16.94 -18.87 5.98
C TYR B 205 -18.10 -19.54 5.25
N GLU B 206 -19.33 -19.03 5.40
CA GLU B 206 -20.43 -19.51 4.58
C GLU B 206 -20.20 -19.17 3.11
N ILE B 207 -19.83 -17.92 2.84
CA ILE B 207 -19.51 -17.52 1.47
C ILE B 207 -18.38 -18.39 0.93
N MET B 208 -17.33 -18.59 1.74
CA MET B 208 -16.18 -19.37 1.29
C MET B 208 -16.59 -20.78 0.90
N GLU B 209 -17.28 -21.50 1.79
CA GLU B 209 -17.61 -22.89 1.53
C GLU B 209 -18.79 -23.08 0.57
N GLU B 210 -19.64 -22.07 0.40
CA GLU B 210 -20.86 -22.29 -0.38
C GLU B 210 -20.78 -21.81 -1.82
N ASP B 211 -20.10 -20.70 -2.10
CA ASP B 211 -20.06 -20.16 -3.45
C ASP B 211 -19.53 -21.21 -4.42
N ASP B 212 -20.25 -21.42 -5.53
CA ASP B 212 -19.87 -22.42 -6.53
C ASP B 212 -19.56 -21.81 -7.89
N GLN B 213 -19.59 -20.48 -8.01
CA GLN B 213 -19.39 -19.85 -9.31
C GLN B 213 -17.90 -19.54 -9.53
N GLY B 214 -17.14 -20.60 -9.80
CA GLY B 214 -15.74 -20.45 -10.11
C GLY B 214 -14.98 -21.73 -9.82
N GLU B 215 -13.66 -21.61 -9.87
CA GLU B 215 -12.81 -22.76 -9.65
C GLU B 215 -11.42 -22.27 -9.24
N TRP B 216 -10.71 -23.11 -8.51
CA TRP B 216 -9.38 -22.73 -8.06
C TRP B 216 -8.54 -23.99 -7.85
N ASN B 217 -7.41 -24.05 -8.57
CA ASN B 217 -6.31 -24.97 -8.27
C ASN B 217 -6.81 -26.39 -7.98
N GLY B 218 -7.68 -26.89 -8.87
CA GLY B 218 -8.14 -28.25 -8.81
C GLY B 218 -9.48 -28.46 -8.14
N VAL B 219 -10.07 -27.42 -7.56
CA VAL B 219 -11.40 -27.51 -6.99
C VAL B 219 -12.32 -26.67 -7.85
N LYS B 220 -13.31 -27.32 -8.45
CA LYS B 220 -14.26 -26.66 -9.33
C LYS B 220 -15.59 -26.55 -8.61
N GLY B 221 -16.21 -25.38 -8.68
CA GLY B 221 -17.53 -25.22 -8.12
C GLY B 221 -17.54 -25.00 -6.62
N LYS B 222 -18.49 -25.64 -5.93
CA LYS B 222 -18.77 -25.34 -4.52
C LYS B 222 -17.50 -25.32 -3.69
N GLY B 223 -17.29 -24.21 -2.99
CA GLY B 223 -16.18 -24.11 -2.07
C GLY B 223 -14.83 -23.78 -2.69
N PHE B 224 -14.79 -23.40 -3.97
CA PHE B 224 -13.49 -23.04 -4.56
C PHE B 224 -12.82 -21.91 -3.78
N ARG B 225 -13.59 -20.97 -3.22
CA ARG B 225 -13.00 -19.89 -2.45
C ARG B 225 -12.38 -20.40 -1.16
N LEU B 226 -13.07 -21.32 -0.48
CA LEU B 226 -12.49 -21.92 0.72
C LEU B 226 -11.21 -22.69 0.41
N TRP B 227 -11.22 -23.46 -0.69
CA TRP B 227 -10.00 -24.15 -1.09
C TRP B 227 -8.86 -23.15 -1.35
N ARG B 228 -9.17 -22.03 -1.99
CA ARG B 228 -8.14 -21.00 -2.17
C ARG B 228 -7.69 -20.42 -0.84
N LEU B 229 -8.63 -20.21 0.09
CA LEU B 229 -8.23 -19.80 1.45
C LEU B 229 -7.27 -20.80 2.07
N TYR B 230 -7.53 -22.10 1.88
CA TYR B 230 -6.61 -23.10 2.43
C TYR B 230 -5.24 -23.03 1.77
N ASP B 231 -5.21 -22.72 0.47
CA ASP B 231 -3.92 -22.51 -0.20
C ASP B 231 -3.15 -21.36 0.45
N THR B 232 -3.86 -20.28 0.84
CA THR B 232 -3.16 -19.15 1.47
C THR B 232 -2.61 -19.54 2.83
N ASP B 233 -3.34 -20.38 3.57
CA ASP B 233 -2.82 -20.85 4.84
C ASP B 233 -1.55 -21.67 4.62
N LYS B 234 -1.58 -22.57 3.63
CA LYS B 234 -0.38 -23.30 3.25
C LYS B 234 0.74 -22.35 2.82
N PHE B 235 0.38 -21.28 2.09
CA PHE B 235 1.37 -20.32 1.63
C PHE B 235 2.19 -19.78 2.79
N PHE B 236 1.55 -19.53 3.93
CA PHE B 236 2.28 -19.00 5.08
C PHE B 236 3.04 -20.10 5.82
N GLY B 237 2.77 -21.36 5.53
CA GLY B 237 3.56 -22.45 6.10
C GLY B 237 4.79 -22.85 5.29
N THR B 238 4.80 -22.57 3.99
CA THR B 238 5.90 -23.05 3.14
C THR B 238 7.14 -22.17 3.20
N GLY B 239 7.07 -20.97 3.76
CA GLY B 239 8.25 -20.14 3.83
C GLY B 239 7.95 -18.80 4.46
N GLY B 240 9.01 -18.05 4.69
CA GLY B 240 8.88 -16.75 5.30
C GLY B 240 8.67 -16.82 6.81
N ALA B 241 8.13 -15.72 7.34
CA ALA B 241 8.14 -15.48 8.79
C ALA B 241 7.46 -16.61 9.59
N ILE B 242 6.34 -17.12 9.10
CA ILE B 242 5.52 -18.05 9.88
C ILE B 242 5.70 -19.50 9.40
N LYS B 243 6.77 -19.78 8.69
CA LYS B 243 7.09 -21.09 8.14
C LYS B 243 6.82 -22.27 9.11
N GLY B 244 6.25 -23.35 8.62
CA GLY B 244 5.87 -24.43 9.52
C GLY B 244 7.03 -25.06 10.26
N THR B 245 8.23 -25.07 9.65
CA THR B 245 9.39 -25.65 10.30
C THR B 245 9.84 -24.87 11.52
N ASN B 246 9.46 -23.59 11.65
CA ASN B 246 9.71 -22.88 12.90
C ASN B 246 9.03 -23.55 14.09
N LEU B 247 7.89 -24.20 13.86
CA LEU B 247 7.20 -24.93 14.92
C LEU B 247 8.12 -25.98 15.55
N LEU B 248 9.06 -26.51 14.77
CA LEU B 248 9.95 -27.55 15.28
C LEU B 248 10.95 -27.00 16.28
N ARG B 249 11.24 -25.69 16.19
CA ARG B 249 12.13 -25.03 17.14
C ARG B 249 11.38 -24.47 18.33
N ALA B 250 10.06 -24.33 18.22
CA ALA B 250 9.26 -23.73 19.29
C ALA B 250 8.72 -24.74 20.31
N PHE B 251 8.81 -26.04 20.01
CA PHE B 251 8.40 -27.07 20.96
C PHE B 251 9.24 -28.33 20.75
N ASP B 252 9.53 -29.03 21.84
CA ASP B 252 10.30 -30.28 21.78
C ASP B 252 9.38 -31.43 21.34
N TRP B 253 9.10 -31.49 20.05
CA TRP B 253 8.22 -32.54 19.54
C TRP B 253 8.86 -33.92 19.68
N GLY B 254 10.18 -34.00 19.49
CA GLY B 254 10.88 -35.28 19.63
C GLY B 254 10.75 -35.84 21.03
N GLY B 255 10.74 -34.96 22.04
CA GLY B 255 10.61 -35.37 23.43
C GLY B 255 9.30 -36.06 23.75
N LEU B 256 8.30 -35.95 22.87
CA LEU B 256 7.03 -36.64 23.09
C LEU B 256 7.16 -38.15 22.94
N GLY B 257 8.20 -38.63 22.27
CA GLY B 257 8.29 -40.05 21.98
C GLY B 257 7.19 -40.49 21.04
N LYS B 258 6.72 -41.73 21.22
CA LYS B 258 5.61 -42.24 20.42
C LYS B 258 4.31 -41.68 20.99
N ALA B 259 3.60 -40.90 20.21
CA ALA B 259 2.54 -40.08 20.80
C ALA B 259 1.56 -39.66 19.71
N THR B 260 0.34 -39.35 20.13
CA THR B 260 -0.71 -38.86 19.25
C THR B 260 -0.92 -37.37 19.50
N VAL B 261 -0.99 -36.59 18.42
CA VAL B 261 -1.33 -35.18 18.45
C VAL B 261 -2.68 -35.02 17.79
N VAL B 262 -3.64 -34.46 18.50
CA VAL B 262 -4.96 -34.17 17.93
C VAL B 262 -4.96 -32.73 17.43
N ASP B 263 -5.10 -32.57 16.11
CA ASP B 263 -4.87 -31.29 15.44
C ASP B 263 -6.22 -30.67 15.11
N ILE B 264 -6.75 -29.91 16.07
CA ILE B 264 -8.10 -29.37 15.96
C ILE B 264 -8.10 -28.15 15.05
N GLY B 265 -8.94 -28.18 14.02
CA GLY B 265 -8.97 -27.11 13.02
C GLY B 265 -7.72 -27.08 12.17
N GLY B 266 -7.17 -28.24 11.83
CA GLY B 266 -5.88 -28.30 11.18
C GLY B 266 -5.94 -28.19 9.67
N ILE B 267 -6.99 -27.58 9.13
CA ILE B 267 -7.07 -27.24 7.71
C ILE B 267 -6.98 -28.54 6.91
N THR B 268 -6.02 -28.66 6.03
CA THR B 268 -5.87 -29.87 5.26
C THR B 268 -4.73 -30.73 5.73
N GLY B 269 -4.26 -30.48 6.93
CA GLY B 269 -3.19 -31.22 7.51
C GLY B 269 -1.77 -30.91 7.08
N HIS B 270 -1.58 -29.79 6.40
CA HIS B 270 -0.26 -29.43 5.95
C HIS B 270 0.76 -29.25 7.08
N LEU B 271 0.40 -28.50 8.09
CA LEU B 271 1.23 -28.29 9.24
C LEU B 271 1.48 -29.61 9.99
N ALA B 272 0.47 -30.42 10.09
CA ALA B 272 0.58 -31.69 10.73
C ALA B 272 1.65 -32.52 10.01
N SER B 273 1.60 -32.58 8.70
CA SER B 273 2.53 -33.30 7.88
C SER B 273 3.96 -32.76 8.03
N THR B 274 4.09 -31.46 8.15
CA THR B 274 5.37 -30.87 8.35
C THR B 274 5.97 -31.41 9.64
N VAL B 275 5.20 -31.43 10.70
CA VAL B 275 5.74 -31.87 11.98
C VAL B 275 5.96 -33.38 11.97
N ALA B 276 5.04 -34.13 11.36
CA ALA B 276 5.15 -35.59 11.37
C ALA B 276 6.30 -36.07 10.49
N LEU B 277 6.57 -35.38 9.37
CA LEU B 277 7.72 -35.75 8.56
C LEU B 277 9.01 -35.63 9.36
N ALA B 278 9.12 -34.63 10.22
CA ALA B 278 10.33 -34.45 11.01
C ALA B 278 10.37 -35.33 12.27
N ASN B 279 9.26 -35.92 12.67
CA ASN B 279 9.16 -36.66 13.92
C ASN B 279 8.48 -38.00 13.64
N PRO B 280 9.26 -39.03 13.30
CA PRO B 280 8.65 -40.28 12.83
C PRO B 280 7.82 -41.02 13.87
N ASP B 281 7.97 -40.73 15.15
CA ASP B 281 7.23 -41.45 16.18
C ASP B 281 5.88 -40.81 16.49
N LEU B 282 5.49 -39.77 15.75
CA LEU B 282 4.26 -39.04 16.02
C LEU B 282 3.13 -39.48 15.10
N THR B 283 1.94 -39.61 15.67
CA THR B 283 0.70 -39.82 14.94
C THR B 283 -0.13 -38.54 15.07
N PHE B 284 -0.69 -38.07 13.94
CA PHE B 284 -1.53 -36.88 13.94
C PHE B 284 -2.94 -37.24 13.50
N ILE B 285 -3.91 -36.68 14.21
CA ILE B 285 -5.32 -36.76 13.86
C ILE B 285 -5.76 -35.36 13.47
N VAL B 286 -5.97 -35.13 12.18
CA VAL B 286 -6.40 -33.81 11.69
C VAL B 286 -7.91 -33.74 11.80
N GLN B 287 -8.40 -32.88 12.68
CA GLN B 287 -9.83 -32.68 12.86
C GLN B 287 -10.25 -31.40 12.18
N GLU B 288 -11.24 -31.50 11.30
CA GLU B 288 -11.66 -30.38 10.48
C GLU B 288 -13.05 -30.66 9.96
N ARG B 289 -13.74 -29.59 9.58
CA ARG B 289 -15.07 -29.69 8.98
C ARG B 289 -14.95 -30.20 7.55
N ASN B 290 -15.74 -31.21 7.21
CA ASN B 290 -15.63 -31.85 5.91
C ASN B 290 -16.23 -30.96 4.81
N GLN B 291 -15.79 -31.21 3.58
CA GLN B 291 -16.31 -30.53 2.41
C GLN B 291 -16.36 -31.56 1.30
N PRO B 292 -17.18 -31.35 0.27
CA PRO B 292 -17.29 -32.36 -0.79
C PRO B 292 -15.95 -32.69 -1.45
N TRP B 293 -15.05 -31.72 -1.53
CA TRP B 293 -13.75 -31.93 -2.15
C TRP B 293 -12.64 -32.20 -1.13
N TYR B 294 -12.95 -32.16 0.17
CA TYR B 294 -11.88 -32.18 1.19
C TYR B 294 -11.07 -33.47 1.12
N GLU B 295 -11.73 -34.62 1.18
CA GLU B 295 -11.00 -35.86 1.34
C GLU B 295 -10.14 -36.15 0.11
N LYS B 296 -10.69 -35.94 -1.09
CA LYS B 296 -9.89 -36.03 -2.31
C LYS B 296 -8.63 -35.17 -2.22
N GLN B 297 -8.79 -33.89 -1.87
CA GLN B 297 -7.63 -32.99 -1.78
C GLN B 297 -6.71 -33.40 -0.63
N PHE B 298 -7.28 -33.86 0.49
CA PHE B 298 -6.47 -34.29 1.63
C PHE B 298 -5.50 -35.39 1.25
N TYR B 299 -6.01 -36.42 0.56
CA TYR B 299 -5.18 -37.58 0.22
C TYR B 299 -4.26 -37.30 -0.96
N GLU B 300 -4.67 -36.44 -1.90
CA GLU B 300 -3.76 -36.05 -2.96
C GLU B 300 -2.50 -35.39 -2.39
N GLN B 301 -2.67 -34.54 -1.41
CA GLN B 301 -1.57 -33.79 -0.85
C GLN B 301 -0.66 -34.56 0.12
N LEU B 302 -1.24 -35.52 0.78
CA LEU B 302 -0.60 -36.32 1.78
C LEU B 302 0.64 -37.06 1.35
N PRO B 303 1.79 -36.70 1.87
CA PRO B 303 3.02 -37.38 1.49
C PRO B 303 2.93 -38.86 1.82
N ALA B 304 3.28 -39.65 0.84
CA ALA B 304 3.33 -41.09 0.92
C ALA B 304 4.24 -41.60 2.00
N GLU B 305 5.33 -40.93 2.25
CA GLU B 305 6.29 -41.33 3.23
C GLU B 305 5.89 -41.23 4.71
N LEU B 306 4.76 -40.64 5.01
CA LEU B 306 4.19 -40.60 6.32
C LEU B 306 3.56 -41.97 6.67
N ASN B 307 3.27 -42.79 5.67
CA ASN B 307 2.74 -44.12 5.85
C ASN B 307 1.49 -44.13 6.72
N GLY B 308 0.59 -43.21 6.48
CA GLY B 308 -0.67 -43.14 7.20
C GLY B 308 -0.60 -42.51 8.58
N ARG B 309 0.56 -42.03 9.02
CA ARG B 309 0.66 -41.46 10.36
C ARG B 309 -0.18 -40.20 10.53
N VAL B 310 -0.55 -39.53 9.45
CA VAL B 310 -1.43 -38.37 9.51
C VAL B 310 -2.76 -38.78 8.90
N SER B 311 -3.84 -38.65 9.66
CA SER B 311 -5.14 -39.08 9.19
C SER B 311 -6.13 -37.95 9.42
N TYR B 312 -7.30 -38.10 8.81
CA TYR B 312 -8.34 -37.09 8.85
C TYR B 312 -9.54 -37.64 9.62
N MET B 313 -10.03 -36.85 10.57
CA MET B 313 -11.24 -37.21 11.32
C MET B 313 -12.21 -36.03 11.27
N PRO B 314 -13.33 -36.15 10.56
CA PRO B 314 -14.32 -35.07 10.55
C PRO B 314 -14.71 -34.70 11.97
N HIS B 315 -14.80 -33.39 12.25
CA HIS B 315 -15.04 -32.96 13.61
C HIS B 315 -15.50 -31.51 13.66
N ASP B 316 -16.51 -31.26 14.49
CA ASP B 316 -16.95 -29.92 14.89
C ASP B 316 -16.15 -29.49 16.12
N LYS B 317 -15.36 -28.42 15.97
CA LYS B 317 -14.48 -27.99 17.04
C LYS B 317 -15.24 -27.63 18.32
N TYR B 318 -16.53 -27.31 18.21
CA TYR B 318 -17.32 -26.96 19.39
C TYR B 318 -17.92 -28.18 20.07
N ALA B 319 -17.83 -29.36 19.46
CA ALA B 319 -18.48 -30.57 19.94
C ALA B 319 -17.57 -31.36 20.88
N GLU B 320 -18.17 -32.35 21.55
CA GLU B 320 -17.40 -33.25 22.39
C GLU B 320 -16.21 -33.83 21.63
N GLN B 321 -15.07 -33.90 22.31
CA GLN B 321 -13.84 -34.36 21.69
C GLN B 321 -13.77 -35.88 21.78
N PRO B 322 -13.78 -36.61 20.66
CA PRO B 322 -13.88 -38.07 20.73
C PRO B 322 -12.56 -38.79 20.97
N VAL B 323 -11.43 -38.11 20.91
CA VAL B 323 -10.14 -38.73 21.20
C VAL B 323 -9.78 -38.42 22.65
N LYS B 324 -9.84 -39.44 23.50
CA LYS B 324 -9.63 -39.29 24.94
C LYS B 324 -8.17 -39.58 25.30
N GLY B 325 -7.60 -38.73 26.15
CA GLY B 325 -6.29 -39.01 26.71
C GLY B 325 -5.12 -38.91 25.75
N ALA B 326 -5.26 -38.15 24.67
CA ALA B 326 -4.14 -37.99 23.75
C ALA B 326 -3.01 -37.20 24.38
N ASP B 327 -1.79 -37.44 23.89
CA ASP B 327 -0.63 -36.73 24.43
C ASP B 327 -0.74 -35.23 24.22
N VAL B 328 -1.24 -34.80 23.06
CA VAL B 328 -1.29 -33.38 22.71
C VAL B 328 -2.61 -33.09 22.00
N TYR B 329 -3.29 -32.04 22.44
CA TYR B 329 -4.37 -31.41 21.71
C TYR B 329 -3.82 -30.08 21.19
N PHE B 330 -3.82 -29.91 19.86
CA PHE B 330 -3.06 -28.85 19.22
C PHE B 330 -4.01 -28.01 18.38
N MET B 331 -3.94 -26.69 18.54
CA MET B 331 -4.73 -25.76 17.74
C MET B 331 -3.81 -24.68 17.19
N SER B 332 -3.68 -24.62 15.86
CA SER B 332 -2.78 -23.65 15.25
C SER B 332 -3.59 -22.55 14.60
N THR B 333 -3.46 -21.33 15.14
CA THR B 333 -4.13 -20.13 14.65
C THR B 333 -5.63 -20.37 14.46
N VAL B 334 -6.21 -21.08 15.43
CA VAL B 334 -7.64 -21.27 15.55
C VAL B 334 -8.26 -20.19 16.44
N LEU B 335 -7.69 -19.98 17.62
CA LEU B 335 -8.36 -19.20 18.65
C LEU B 335 -8.37 -17.71 18.35
N HIS B 336 -7.53 -17.20 17.43
CA HIS B 336 -7.63 -15.76 17.18
C HIS B 336 -8.87 -15.39 16.38
N LYS B 337 -9.63 -16.37 15.91
CA LYS B 337 -10.92 -16.12 15.27
C LYS B 337 -12.08 -16.45 16.20
N GLU B 338 -11.80 -16.77 17.46
CA GLU B 338 -12.84 -17.16 18.40
C GLU B 338 -12.96 -16.10 19.48
N PRO B 339 -14.11 -15.43 19.62
CA PRO B 339 -14.33 -14.59 20.80
C PRO B 339 -14.28 -15.44 22.07
N ASP B 340 -14.10 -14.78 23.17
CA ASP B 340 -13.93 -15.44 24.46
C ASP B 340 -14.88 -16.59 24.74
N ASP B 341 -16.16 -16.36 24.61
CA ASP B 341 -17.14 -17.38 24.88
C ASP B 341 -17.00 -18.64 24.03
N LYS B 342 -16.74 -18.47 22.76
CA LYS B 342 -16.55 -19.58 21.85
C LYS B 342 -15.23 -20.30 22.12
N ALA B 343 -14.19 -19.54 22.40
CA ALA B 343 -12.91 -20.11 22.70
C ALA B 343 -13.00 -20.95 23.96
N ILE B 344 -13.74 -20.46 24.92
CA ILE B 344 -13.90 -21.21 26.16
C ILE B 344 -14.62 -22.53 25.89
N THR B 345 -15.64 -22.50 25.03
CA THR B 345 -16.32 -23.74 24.67
C THR B 345 -15.34 -24.77 24.11
N ILE B 346 -14.51 -24.36 23.14
CA ILE B 346 -13.52 -25.28 22.57
C ILE B 346 -12.56 -25.77 23.64
N LEU B 347 -12.02 -24.85 24.44
CA LEU B 347 -11.05 -25.24 25.47
C LEU B 347 -11.64 -26.22 26.47
N ARG B 348 -12.90 -26.05 26.84
CA ARG B 348 -13.51 -26.99 27.78
C ARG B 348 -13.78 -28.34 27.13
N ARG B 349 -14.06 -28.37 25.83
CA ARG B 349 -14.12 -29.66 25.13
C ARG B 349 -12.78 -30.37 25.21
N CYS B 350 -11.67 -29.63 25.03
CA CYS B 350 -10.35 -30.24 25.15
C CYS B 350 -10.12 -30.76 26.57
N VAL B 351 -10.44 -29.94 27.57
CA VAL B 351 -10.20 -30.32 28.96
C VAL B 351 -10.92 -31.63 29.31
N GLU B 352 -12.16 -31.78 28.84
CA GLU B 352 -12.92 -32.99 29.17
C GLU B 352 -12.20 -34.23 28.64
N ALA B 353 -11.60 -34.15 27.46
CA ALA B 353 -10.93 -35.30 26.88
C ALA B 353 -9.53 -35.53 27.43
N MET B 354 -8.91 -34.49 28.00
CA MET B 354 -7.54 -34.59 28.46
C MET B 354 -7.40 -35.44 29.71
N ASP B 355 -6.28 -36.17 29.80
CA ASP B 355 -5.82 -36.71 31.07
C ASP B 355 -4.91 -35.66 31.69
N PRO B 356 -5.29 -35.05 32.80
CA PRO B 356 -4.49 -33.93 33.35
C PRO B 356 -3.05 -34.33 33.65
N ASN B 357 -2.79 -35.60 33.93
CA ASN B 357 -1.43 -36.01 34.24
C ASN B 357 -0.63 -36.44 33.01
N LYS B 358 -1.26 -36.48 31.85
CA LYS B 358 -0.58 -36.98 30.65
C LYS B 358 -0.67 -36.04 29.47
N SER B 359 -1.79 -35.34 29.31
CA SER B 359 -2.05 -34.57 28.10
C SER B 359 -1.57 -33.12 28.25
N ARG B 360 -1.11 -32.58 27.12
CA ARG B 360 -0.83 -31.16 26.97
C ARG B 360 -1.79 -30.55 25.97
N LEU B 361 -2.06 -29.26 26.12
CA LEU B 361 -2.79 -28.50 25.12
C LEU B 361 -1.82 -27.47 24.55
N LEU B 362 -1.55 -27.56 23.26
CA LEU B 362 -0.63 -26.66 22.58
C LEU B 362 -1.41 -25.72 21.67
N THR B 363 -1.13 -24.42 21.72
CA THR B 363 -1.73 -23.50 20.77
C THR B 363 -0.64 -22.66 20.13
N ARG B 364 -0.80 -22.40 18.85
CA ARG B 364 0.06 -21.56 18.08
C ARG B 364 -0.79 -20.33 17.72
N ASP B 365 -0.40 -19.18 18.22
CA ASP B 365 -1.12 -17.94 17.93
C ASP B 365 -0.18 -16.77 18.14
N ILE B 366 -0.60 -15.61 17.65
CA ILE B 366 0.08 -14.37 17.98
C ILE B 366 -0.06 -14.10 19.48
N VAL B 367 1.06 -13.76 20.10
CA VAL B 367 1.10 -13.16 21.42
C VAL B 367 1.49 -11.71 21.19
N MET B 368 0.53 -10.79 21.30
CA MET B 368 0.73 -9.44 20.79
C MET B 368 1.98 -8.77 21.37
N ASP B 369 2.29 -9.05 22.64
CA ASP B 369 3.45 -8.43 23.27
C ASP B 369 4.68 -9.33 23.21
N GLY B 370 4.60 -10.47 22.54
CA GLY B 370 5.76 -11.27 22.22
C GLY B 370 5.98 -12.43 23.15
N GLY B 371 6.36 -13.57 22.58
CA GLY B 371 6.77 -14.72 23.35
C GLY B 371 8.26 -14.70 23.64
N ASP B 372 8.72 -15.78 24.27
CA ASP B 372 10.11 -15.88 24.66
C ASP B 372 10.90 -16.64 23.60
N PRO B 373 12.19 -16.33 23.42
CA PRO B 373 12.97 -16.98 22.38
C PRO B 373 13.24 -18.42 22.73
N PRO B 374 13.54 -19.27 21.74
CA PRO B 374 13.88 -20.66 22.03
C PRO B 374 15.08 -20.72 22.96
N ALA B 375 15.13 -21.77 23.78
CA ALA B 375 16.25 -21.94 24.69
C ALA B 375 17.56 -21.96 23.93
N GLU B 376 17.58 -22.59 22.76
CA GLU B 376 18.82 -22.80 22.03
C GLU B 376 19.48 -21.50 21.58
N ASP B 377 18.75 -20.39 21.56
CA ASP B 377 19.34 -19.11 21.18
C ASP B 377 20.38 -18.67 22.22
N ASN B 386 23.30 -9.06 23.65
CA ASN B 386 24.32 -8.69 24.64
C ASN B 386 23.76 -7.68 25.66
N SER B 387 23.32 -6.53 25.17
CA SER B 387 22.71 -5.51 26.02
C SER B 387 21.44 -4.98 25.35
N LYS B 388 20.42 -4.71 26.15
CA LYS B 388 19.11 -4.29 25.66
C LYS B 388 18.90 -2.80 25.87
N GLU B 389 18.50 -2.09 24.82
CA GLU B 389 18.17 -0.67 24.89
C GLU B 389 16.74 -0.49 24.38
N GLY B 390 15.96 0.33 25.09
CA GLY B 390 14.57 0.53 24.76
C GLY B 390 13.67 -0.52 25.38
N SER B 391 12.36 -0.29 25.26
CA SER B 391 11.39 -1.13 25.97
C SER B 391 11.04 -2.43 25.24
N TYR B 392 11.50 -2.63 24.00
CA TYR B 392 10.94 -3.68 23.16
C TYR B 392 12.01 -4.53 22.48
N GLU B 393 11.75 -5.84 22.42
CA GLU B 393 12.60 -6.73 21.65
C GLU B 393 12.54 -6.34 20.17
N ALA B 394 13.61 -6.66 19.45
CA ALA B 394 13.69 -6.33 18.03
C ALA B 394 12.48 -6.89 17.29
N GLY B 395 11.85 -6.05 16.49
CA GLY B 395 10.65 -6.40 15.79
C GLY B 395 9.38 -5.95 16.46
N LEU B 396 9.41 -5.68 17.76
CA LEU B 396 8.23 -5.26 18.50
C LEU B 396 8.31 -3.76 18.78
N GLY B 397 7.41 -3.26 19.63
CA GLY B 397 7.24 -1.83 19.81
C GLY B 397 6.38 -1.22 18.71
N PRO B 398 6.08 0.07 18.84
CA PRO B 398 5.05 0.68 17.97
C PRO B 398 5.43 0.77 16.50
N THR B 399 6.71 0.80 16.15
CA THR B 399 7.10 0.78 14.74
C THR B 399 7.80 -0.53 14.35
N GLY B 400 7.75 -1.54 15.22
CA GLY B 400 8.38 -2.81 14.89
C GLY B 400 7.70 -3.50 13.73
N VAL B 401 8.49 -4.22 12.92
CA VAL B 401 7.89 -4.84 11.74
C VAL B 401 7.14 -6.12 12.10
N ILE B 402 7.48 -6.79 13.21
CA ILE B 402 6.64 -7.91 13.66
C ILE B 402 5.35 -7.37 14.27
N THR B 403 5.43 -6.28 15.04
CA THR B 403 4.21 -5.60 15.46
C THR B 403 3.33 -5.29 14.26
N ARG B 404 3.93 -4.72 13.21
CA ARG B 404 3.18 -4.38 12.01
C ARG B 404 2.50 -5.62 11.41
N LEU B 405 3.21 -6.74 11.28
CA LEU B 405 2.58 -7.95 10.77
C LEU B 405 1.52 -8.46 11.72
N ASN B 406 1.79 -8.42 13.04
CA ASN B 406 0.79 -8.78 14.04
C ASN B 406 -0.50 -8.00 13.84
N ILE B 407 -0.38 -6.69 13.57
CA ILE B 407 -1.55 -5.85 13.40
C ILE B 407 -2.26 -6.14 12.08
N GLY B 408 -1.49 -6.37 11.01
CA GLY B 408 -2.12 -6.75 9.76
C GLY B 408 -2.97 -8.00 9.90
N ILE B 409 -2.45 -9.00 10.62
CA ILE B 409 -3.22 -10.22 10.88
C ILE B 409 -4.42 -9.93 11.77
N ASP B 410 -4.21 -9.18 12.85
CA ASP B 410 -5.29 -8.68 13.68
C ASP B 410 -6.39 -8.04 12.85
N PHE B 411 -6.01 -7.16 11.92
CA PHE B 411 -6.99 -6.49 11.07
C PHE B 411 -7.64 -7.45 10.09
N GLN B 412 -6.90 -8.45 9.62
CA GLN B 412 -7.49 -9.43 8.69
C GLN B 412 -8.62 -10.19 9.35
N VAL B 413 -8.40 -10.72 10.55
CA VAL B 413 -9.47 -11.45 11.23
C VAL B 413 -10.54 -10.50 11.73
N LEU B 414 -10.16 -9.27 12.12
CA LEU B 414 -11.16 -8.25 12.41
C LEU B 414 -12.08 -8.05 11.23
N ALA B 415 -11.51 -7.92 10.04
CA ALA B 415 -12.30 -7.63 8.87
C ALA B 415 -13.30 -8.74 8.57
N VAL B 416 -12.85 -10.00 8.58
CA VAL B 416 -13.72 -11.05 8.04
C VAL B 416 -14.63 -11.68 9.09
N VAL B 417 -14.23 -11.70 10.37
CA VAL B 417 -15.07 -12.37 11.39
C VAL B 417 -15.10 -11.60 12.70
N ASN B 418 -14.62 -10.35 12.69
CA ASN B 418 -14.49 -9.55 13.93
C ASN B 418 -13.65 -10.25 14.99
N GLY B 419 -12.69 -11.07 14.57
CA GLY B 419 -11.74 -11.66 15.49
C GLY B 419 -10.72 -10.62 15.97
N PHE B 420 -9.80 -11.08 16.81
CA PHE B 420 -8.80 -10.17 17.37
C PHE B 420 -7.63 -10.94 17.93
N GLU B 421 -6.46 -10.32 17.92
CA GLU B 421 -5.28 -10.92 18.55
C GLU B 421 -5.21 -10.53 20.03
N ARG B 422 -4.49 -11.35 20.80
CA ARG B 422 -4.43 -11.21 22.26
C ARG B 422 -2.99 -11.07 22.75
N THR B 423 -2.84 -10.42 23.89
CA THR B 423 -1.58 -10.42 24.61
C THR B 423 -1.42 -11.70 25.41
N ARG B 424 -0.20 -11.94 25.91
CA ARG B 424 0.04 -13.11 26.74
C ARG B 424 -0.85 -13.11 27.99
N GLU B 425 -0.99 -11.96 28.64
CA GLU B 425 -1.87 -11.86 29.80
C GLU B 425 -3.31 -12.19 29.41
N GLU B 426 -3.76 -11.74 28.24
CA GLU B 426 -5.13 -12.04 27.82
C GLU B 426 -5.31 -13.53 27.54
N TRP B 427 -4.29 -14.18 26.98
CA TRP B 427 -4.34 -15.63 26.78
C TRP B 427 -4.49 -16.35 28.11
N VAL B 428 -3.67 -15.98 29.09
CA VAL B 428 -3.68 -16.67 30.38
C VAL B 428 -5.03 -16.48 31.05
N THR B 429 -5.54 -15.25 31.04
CA THR B 429 -6.84 -14.96 31.62
C THR B 429 -7.93 -15.80 30.95
N LEU B 430 -7.87 -15.92 29.63
CA LEU B 430 -8.88 -16.69 28.90
C LEU B 430 -8.81 -18.16 29.27
N PHE B 431 -7.61 -18.73 29.28
CA PHE B 431 -7.48 -20.14 29.60
C PHE B 431 -7.90 -20.42 31.04
N LYS B 432 -7.51 -19.56 31.98
CA LYS B 432 -7.93 -19.77 33.37
C LYS B 432 -9.44 -19.61 33.54
N LYS B 433 -10.07 -18.78 32.72
CA LYS B 433 -11.53 -18.73 32.73
C LYS B 433 -12.12 -20.03 32.17
N ALA B 434 -11.47 -20.64 31.18
CA ALA B 434 -11.93 -21.94 30.70
C ALA B 434 -11.79 -22.99 31.80
N ASP B 435 -10.66 -23.02 32.47
CA ASP B 435 -10.44 -23.96 33.56
C ASP B 435 -9.33 -23.42 34.44
N PRO B 436 -9.59 -23.22 35.75
CA PRO B 436 -8.58 -22.62 36.63
C PRO B 436 -7.32 -23.46 36.78
N ARG B 437 -7.34 -24.74 36.42
CA ARG B 437 -6.14 -25.55 36.49
C ARG B 437 -5.14 -25.20 35.39
N PHE B 438 -5.57 -24.52 34.33
CA PHE B 438 -4.67 -24.23 33.21
C PHE B 438 -3.48 -23.40 33.66
N ALA B 439 -2.31 -23.80 33.21
CA ALA B 439 -1.08 -23.05 33.48
C ALA B 439 -0.28 -22.98 32.20
N LEU B 440 0.25 -21.80 31.93
CA LEU B 440 1.11 -21.58 30.77
C LEU B 440 2.53 -22.01 31.12
N LYS B 441 2.97 -23.14 30.54
CA LYS B 441 4.27 -23.69 30.87
C LYS B 441 5.36 -23.23 29.92
N GLY B 442 5.01 -22.82 28.72
CA GLY B 442 5.99 -22.41 27.74
C GLY B 442 5.32 -21.47 26.75
N CYS B 443 6.02 -20.42 26.33
CA CYS B 443 5.47 -19.46 25.36
C CYS B 443 6.65 -19.03 24.47
N ILE B 444 6.84 -19.76 23.38
CA ILE B 444 8.07 -19.69 22.60
C ILE B 444 7.78 -19.07 21.25
N GLN B 445 8.56 -18.05 20.90
CA GLN B 445 8.41 -17.34 19.62
C GLN B 445 9.78 -17.24 18.98
N THR B 446 9.97 -17.92 17.84
CA THR B 446 11.25 -17.85 17.17
C THR B 446 11.47 -16.45 16.59
N VAL B 447 12.72 -15.98 16.62
CA VAL B 447 13.04 -14.63 16.21
C VAL B 447 12.86 -14.49 14.71
N GLY B 448 12.06 -13.53 14.28
CA GLY B 448 11.62 -13.41 12.90
C GLY B 448 10.23 -13.93 12.64
N ASN B 449 9.66 -14.67 13.58
CA ASN B 449 8.31 -15.21 13.51
C ASN B 449 7.36 -14.26 14.22
N CYS B 450 6.11 -14.22 13.78
CA CYS B 450 5.12 -13.42 14.46
C CYS B 450 4.23 -14.25 15.38
N ALA B 451 4.24 -15.57 15.25
CA ALA B 451 3.45 -16.46 16.08
C ALA B 451 4.32 -17.11 17.16
N ALA B 452 3.66 -17.54 18.22
CA ALA B 452 4.31 -18.22 19.34
C ALA B 452 3.62 -19.55 19.58
N LEU B 453 4.37 -20.52 20.11
CA LEU B 453 3.80 -21.80 20.49
C LEU B 453 3.64 -21.80 22.01
N MET B 454 2.40 -21.86 22.48
CA MET B 454 2.12 -21.84 23.90
C MET B 454 1.79 -23.25 24.35
N GLU B 455 2.45 -23.69 25.43
CA GLU B 455 2.25 -25.02 25.99
C GLU B 455 1.46 -24.87 27.29
N TRP B 456 0.28 -25.48 27.33
CA TRP B 456 -0.63 -25.42 28.46
C TRP B 456 -0.79 -26.80 29.11
N ILE B 457 -0.92 -26.82 30.42
CA ILE B 457 -1.21 -28.01 31.16
C ILE B 457 -2.26 -27.73 32.22
N LEU B 458 -2.86 -28.77 32.71
CA LEU B 458 -3.83 -28.67 33.73
C LEU B 458 -3.13 -29.06 35.01
N GLU B 459 -2.97 -28.14 35.95
CA GLU B 459 -2.38 -28.46 37.22
C GLU B 459 -3.29 -28.21 38.39
N GLU B 460 -3.15 -29.02 39.41
CA GLU B 460 -3.78 -29.06 40.72
C GLU B 460 -3.28 -27.96 41.58
C1 F56 C . -8.92 12.63 -11.79
C2 F56 C . -9.39 11.98 -10.66
C4 F56 C . -7.30 12.28 -9.58
C5 F56 C . -6.81 12.95 -10.71
C6 F56 C . -7.65 13.10 -11.78
C7 F56 C . -5.39 13.51 -10.87
C8 F56 C . -4.26 13.27 -9.85
C9 F56 C . -3.03 14.14 -10.13
C10 F56 C . -3.28 15.62 -9.83
C11 F56 C . -2.00 16.41 -10.12
C12 F56 C . -1.50 16.16 -11.55
C13 F56 C . -0.23 15.88 -11.76
C14 F56 C . 0.28 15.62 -13.17
C18 F56 C . -3.82 11.83 -10.07
C19 F56 C . -3.67 15.80 -8.37
N3 F56 C . -8.58 11.81 -9.60
O15 F56 C . -7.16 13.75 -12.90
O16 F56 C . -5.14 14.08 -11.88
O17 F56 C . -6.66 12.10 -8.60
C1 EDO D . -21.44 3.45 -9.00
O1 EDO D . -21.63 4.85 -8.80
C2 EDO D . -19.98 3.03 -8.86
O2 EDO D . -19.74 1.89 -9.64
C1 EDO E . -11.78 16.78 -17.09
O1 EDO E . -10.45 16.39 -16.88
C2 EDO E . -12.43 16.17 -18.30
O2 EDO E . -13.82 16.25 -18.06
C1 EDO F . -14.64 17.90 4.98
O1 EDO F . -14.34 18.42 6.27
C2 EDO F . -16.02 17.31 5.02
O2 EDO F . -16.98 18.33 4.91
C1 EDO G . 6.61 35.12 -29.08
O1 EDO G . 6.00 35.43 -27.85
C2 EDO G . 6.02 33.88 -29.68
O2 EDO G . 6.60 33.69 -30.97
C1 GOL H . -11.71 11.54 -21.81
O1 GOL H . -11.60 10.91 -23.05
C2 GOL H . -11.88 13.02 -22.01
O2 GOL H . -13.10 13.30 -22.67
C3 GOL H . -11.84 13.65 -20.65
O3 GOL H . -11.85 15.06 -20.75
C1 GOL I . 13.61 15.94 -12.32
O1 GOL I . 13.58 15.26 -13.59
C2 GOL I . 12.72 15.22 -11.34
O2 GOL I . 13.31 13.97 -10.97
C3 GOL I . 12.53 16.08 -10.10
O3 GOL I . 11.90 15.32 -9.07
C1 GOL J . 8.41 -3.59 -0.50
O1 GOL J . 8.82 -4.26 0.68
C2 GOL J . 6.92 -3.75 -0.73
O2 GOL J . 6.50 -4.95 -1.39
C3 GOL J . 6.24 -3.49 0.58
O3 GOL J . 4.99 -4.09 0.72
C1 F56 K . -9.11 -15.86 7.42
C2 F56 K . -9.15 -15.30 6.15
C4 F56 K . -6.84 -14.82 6.24
C5 F56 K . -6.77 -15.40 7.53
C6 F56 K . -7.92 -15.90 8.07
C7 F56 K . -5.48 -15.48 8.39
C8 F56 K . -4.14 -14.86 7.98
C9 F56 K . -3.01 -15.35 8.88
C10 F56 K . -2.63 -16.79 8.57
C11 F56 K . -1.43 -17.18 9.44
C12 F56 K . -1.78 -16.90 10.90
C13 F56 K . -0.87 -16.31 11.65
C14 F56 K . -1.15 -16.01 13.11
C18 F56 K . -4.27 -13.35 8.18
C19 F56 K . -2.22 -16.90 7.10
N3 F56 K . -8.03 -14.79 5.58
O15 F56 K . -7.89 -16.47 9.35
O16 F56 K . -5.54 -16.00 9.45
O17 F56 K . -5.91 -14.37 5.68
C1 EDO L . -15.61 -2.91 -3.06
O1 EDO L . -15.63 -2.20 -1.84
C2 EDO L . -14.53 -2.42 -4.02
O2 EDO L . -14.43 -3.02 -5.32
C1 EDO M . -19.85 -10.20 -1.29
O1 EDO M . -20.33 -9.14 -0.44
C2 EDO M . -20.91 -11.28 -1.48
O2 EDO M . -20.38 -12.41 -2.17
C1 EDO N . -14.84 -21.29 10.45
O1 EDO N . -16.24 -21.05 10.73
C2 EDO N . -13.88 -20.99 11.59
O2 EDO N . -12.52 -20.77 11.19
C1 EDO O . 1.15 -33.18 31.87
O1 EDO O . 1.34 -32.73 33.22
C2 EDO O . 2.50 -33.20 31.21
O2 EDO O . 2.72 -34.36 30.39
C1 GOL P . -15.34 -18.10 13.93
O1 GOL P . -15.10 -19.46 14.16
C2 GOL P . -16.60 -17.59 14.64
O2 GOL P . -17.18 -18.50 15.53
C3 GOL P . -16.51 -16.23 15.27
O3 GOL P . -17.58 -15.91 16.15
#